data_4CZJ
#
_entry.id   4CZJ
#
_cell.length_a   51.497
_cell.length_b   101.931
_cell.length_c   122.697
_cell.angle_alpha   90.00
_cell.angle_beta   90.00
_cell.angle_gamma   90.00
#
_symmetry.space_group_name_H-M   'P 21 21 21'
#
loop_
_entity.id
_entity.type
_entity.pdbx_description
1 polymer 'ROD SHAPE-DETERMINING PROTEIN MREB'
2 non-polymer 'MAGNESIUM ION'
3 non-polymer 'PHOSPHOAMINOPHOSPHONIC ACID-ADENYLATE ESTER'
4 water water
#
_entity_poly.entity_id   1
_entity_poly.type   'polypeptide(L)'
_entity_poly.pdbx_seq_one_letter_code
;MISNDIAIDLGTANTLIYQKGKGIVLNEPSVVALRNVGGRKVVHAVGIEAKQMLGRTPGHMEAIRPMRDGVIADFEVAEE
MIKYFIRKVHNRKGSGNPKVIVCVPSGATAVERRAINDSCLNAGARRVGLIDEPMAAAIGAGLPIHEPTGSMVVDIGGGT
TEVAVLSLSGIVYSRSVRVGGDKMDEAIISYMRRHHNLLIGETTAERIKKEIGTARAPADGEGLSIDVKGRDLMQGVPRE
VRISEKQAADALAEPVGQIVEAVKVALEATPPELASDIADKGIMLTGGGALLRGLDAEIRDHTGLPVTVADDPLSCVALG
CGKVLEHPKWMKGVLESTLAGSHHHHHH
;
_entity_poly.pdbx_strand_id   A,B
#
loop_
_chem_comp.id
_chem_comp.type
_chem_comp.name
_chem_comp.formula
ANP non-polymer 'PHOSPHOAMINOPHOSPHONIC ACID-ADENYLATE ESTER' 'C10 H17 N6 O12 P3'
MG non-polymer 'MAGNESIUM ION' 'Mg 2'
#
# COMPACT_ATOMS: atom_id res chain seq x y z
N ASP A 5 -20.97 21.16 -12.39
CA ASP A 5 -22.10 20.34 -12.80
C ASP A 5 -21.66 18.95 -13.30
N ILE A 6 -20.59 18.42 -12.70
CA ILE A 6 -20.05 17.14 -13.11
C ILE A 6 -19.63 16.21 -11.98
N ALA A 7 -19.61 14.92 -12.31
CA ALA A 7 -19.12 13.88 -11.42
C ALA A 7 -17.91 13.22 -12.07
N ILE A 8 -16.84 13.02 -11.31
CA ILE A 8 -15.61 12.45 -11.84
C ILE A 8 -15.26 11.17 -11.10
N ASP A 9 -15.21 10.05 -11.82
CA ASP A 9 -14.58 8.86 -11.30
C ASP A 9 -13.11 8.94 -11.68
N LEU A 10 -12.31 9.40 -10.73
CA LEU A 10 -10.87 9.56 -10.96
C LEU A 10 -10.16 8.26 -10.56
N GLY A 11 -9.91 7.38 -11.52
CA GLY A 11 -9.33 6.11 -11.19
C GLY A 11 -7.87 5.96 -11.59
N THR A 12 -7.20 4.98 -10.98
CA THR A 12 -5.84 4.61 -11.38
C THR A 12 -5.70 4.22 -12.85
N ALA A 13 -6.71 3.51 -13.39
CA ALA A 13 -6.73 3.00 -14.76
C ALA A 13 -7.56 3.88 -15.69
N ASN A 14 -8.78 4.21 -15.25
CA ASN A 14 -9.76 4.92 -16.07
C ASN A 14 -10.41 6.11 -15.37
N THR A 15 -10.48 7.23 -16.06
CA THR A 15 -11.22 8.38 -15.56
C THR A 15 -12.51 8.54 -16.36
N LEU A 16 -13.62 8.63 -15.64
CA LEU A 16 -14.92 8.88 -16.29
C LEU A 16 -15.51 10.17 -15.78
N ILE A 17 -16.16 10.90 -16.68
CA ILE A 17 -16.87 12.10 -16.24
C ILE A 17 -18.35 11.97 -16.64
N TYR A 18 -19.21 12.11 -15.66
CA TYR A 18 -20.66 12.19 -15.85
C TYR A 18 -21.06 13.65 -15.75
N GLN A 19 -21.76 14.14 -16.77
CA GLN A 19 -22.26 15.51 -16.73
C GLN A 19 -23.77 15.56 -16.49
N LYS A 20 -24.21 16.55 -15.72
CA LYS A 20 -25.59 16.63 -15.27
C LYS A 20 -26.56 16.55 -16.47
N GLY A 21 -27.48 15.58 -16.43
CA GLY A 21 -28.46 15.41 -17.49
C GLY A 21 -27.97 14.74 -18.77
N LYS A 22 -26.69 14.39 -18.84
CA LYS A 22 -26.11 13.90 -20.10
C LYS A 22 -25.60 12.47 -19.98
N GLY A 23 -25.41 12.01 -18.75
CA GLY A 23 -24.78 10.73 -18.53
C GLY A 23 -23.26 10.84 -18.66
N ILE A 24 -22.62 9.70 -18.83
CA ILE A 24 -21.18 9.63 -19.02
C ILE A 24 -20.79 10.20 -20.36
N VAL A 25 -20.01 11.30 -20.33
CA VAL A 25 -19.61 12.01 -21.53
C VAL A 25 -18.11 11.83 -21.84
N LEU A 26 -17.38 11.24 -20.91
CA LEU A 26 -15.94 10.97 -21.11
C LEU A 26 -15.57 9.73 -20.34
N ASN A 27 -14.82 8.88 -20.99
CA ASN A 27 -14.34 7.62 -20.42
C ASN A 27 -12.95 7.34 -21.02
N GLU A 28 -11.88 7.69 -20.28
CA GLU A 28 -10.52 7.62 -20.85
C GLU A 28 -9.50 7.04 -19.90
N PRO A 29 -8.43 6.40 -20.44
CA PRO A 29 -7.38 5.91 -19.55
C PRO A 29 -6.74 7.05 -18.80
N SER A 30 -6.41 6.81 -17.54
CA SER A 30 -5.81 7.80 -16.69
C SER A 30 -4.30 7.90 -16.95
N VAL A 31 -3.95 8.35 -18.14
CA VAL A 31 -2.56 8.34 -18.56
C VAL A 31 -2.19 9.68 -19.16
N VAL A 32 -0.97 10.12 -18.87
CA VAL A 32 -0.48 11.38 -19.42
C VAL A 32 0.91 11.14 -20.04
N ALA A 33 1.09 11.56 -21.28
CA ALA A 33 2.40 11.48 -21.94
C ALA A 33 3.03 12.88 -21.94
N LEU A 34 4.29 12.92 -21.51
CA LEU A 34 5.06 14.13 -21.42
C LEU A 34 6.23 13.97 -22.40
N ARG A 35 6.60 15.07 -23.04
CA ARG A 35 7.65 15.07 -24.07
C ARG A 35 8.71 16.07 -23.68
N ASN A 36 9.96 15.61 -23.58
CA ASN A 36 11.09 16.49 -23.28
C ASN A 36 11.42 17.37 -24.48
N VAL A 37 11.51 18.67 -24.22
CA VAL A 37 11.73 19.68 -25.24
C VAL A 37 12.57 20.80 -24.65
N GLY A 38 13.88 20.76 -24.93
CA GLY A 38 14.81 21.71 -24.34
C GLY A 38 14.80 21.68 -22.82
N GLY A 39 15.06 20.51 -22.24
CA GLY A 39 15.09 20.38 -20.79
C GLY A 39 13.73 20.51 -20.13
N ARG A 40 12.77 21.12 -20.84
CA ARG A 40 11.44 21.35 -20.29
C ARG A 40 10.50 20.18 -20.63
N LYS A 41 9.48 19.98 -19.80
CA LYS A 41 8.49 18.93 -20.07
C LYS A 41 7.16 19.52 -20.41
N VAL A 42 6.69 19.26 -21.63
CA VAL A 42 5.36 19.67 -22.07
C VAL A 42 4.38 18.48 -22.09
N VAL A 43 3.10 18.74 -21.87
CA VAL A 43 2.11 17.69 -22.00
C VAL A 43 1.98 17.37 -23.47
N HIS A 44 2.06 16.10 -23.80
CA HIS A 44 2.07 15.69 -25.21
C HIS A 44 0.75 15.03 -25.61
N ALA A 45 0.25 14.13 -24.76
CA ALA A 45 -1.04 13.49 -24.97
C ALA A 45 -1.61 13.07 -23.62
N VAL A 46 -2.93 13.08 -23.50
CA VAL A 46 -3.62 12.65 -22.29
C VAL A 46 -4.72 11.72 -22.74
N GLY A 47 -4.94 10.63 -22.00
CA GLY A 47 -6.04 9.73 -22.31
C GLY A 47 -5.72 8.54 -23.20
N ILE A 48 -6.67 8.21 -24.06
CA ILE A 48 -6.60 7.08 -24.97
C ILE A 48 -5.27 7.05 -25.71
N GLU A 49 -4.88 8.19 -26.26
CA GLU A 49 -3.65 8.26 -27.06
C GLU A 49 -2.41 7.96 -26.22
N ALA A 50 -2.40 8.45 -24.97
CA ALA A 50 -1.26 8.24 -24.10
C ALA A 50 -1.20 6.79 -23.60
N LYS A 51 -2.34 6.14 -23.40
CA LYS A 51 -2.33 4.77 -22.92
C LYS A 51 -1.57 3.84 -23.89
N GLN A 52 -1.76 4.05 -25.18
CA GLN A 52 -1.12 3.19 -26.16
C GLN A 52 0.42 3.35 -26.16
N MET A 53 0.93 4.35 -25.45
CA MET A 53 2.35 4.63 -25.41
C MET A 53 3.08 3.88 -24.30
N LEU A 54 2.34 3.34 -23.34
CA LEU A 54 2.92 2.66 -22.19
C LEU A 54 3.83 1.50 -22.61
N GLY A 55 5.08 1.52 -22.11
CA GLY A 55 6.08 0.51 -22.41
C GLY A 55 6.69 0.65 -23.80
N ARG A 56 6.37 1.74 -24.49
CA ARG A 56 6.69 1.90 -25.90
C ARG A 56 7.21 3.28 -26.26
N THR A 57 7.62 4.06 -25.28
CA THR A 57 8.08 5.39 -25.58
C THR A 57 9.55 5.45 -25.98
N PRO A 58 9.85 6.33 -26.92
CA PRO A 58 11.25 6.65 -27.26
C PRO A 58 11.86 7.54 -26.18
N GLY A 59 13.13 7.87 -26.37
CA GLY A 59 13.92 8.52 -25.34
C GLY A 59 13.38 9.86 -24.92
N HIS A 60 12.82 10.60 -25.86
CA HIS A 60 12.41 11.95 -25.51
C HIS A 60 11.05 12.01 -24.76
N MET A 61 10.48 10.85 -24.42
CA MET A 61 9.05 10.76 -24.08
C MET A 61 8.79 9.84 -22.91
N GLU A 62 7.78 10.18 -22.11
CA GLU A 62 7.42 9.44 -20.92
C GLU A 62 5.90 9.32 -20.77
N ALA A 63 5.42 8.11 -20.53
CA ALA A 63 3.99 7.87 -20.32
C ALA A 63 3.78 7.57 -18.84
N ILE A 64 2.95 8.37 -18.20
CA ILE A 64 2.83 8.34 -16.74
C ILE A 64 1.42 8.05 -16.30
N ARG A 65 1.29 7.25 -15.24
CA ARG A 65 -0.01 7.06 -14.57
C ARG A 65 0.06 7.77 -13.23
N PRO A 66 -0.51 8.98 -13.14
CA PRO A 66 -0.28 9.79 -11.94
C PRO A 66 -1.10 9.33 -10.74
N MET A 67 -2.01 8.39 -10.93
CA MET A 67 -2.76 7.81 -9.82
C MET A 67 -2.28 6.40 -9.61
N ARG A 68 -1.84 6.08 -8.40
CA ARG A 68 -1.46 4.72 -8.07
C ARG A 68 -2.10 4.37 -6.72
N ASP A 69 -2.45 3.11 -6.53
CA ASP A 69 -3.01 2.61 -5.26
C ASP A 69 -4.29 3.35 -4.88
N GLY A 70 -5.01 3.87 -5.88
CA GLY A 70 -6.33 4.45 -5.70
C GLY A 70 -6.30 5.96 -5.46
N VAL A 71 -5.11 6.53 -5.37
CA VAL A 71 -5.04 7.94 -5.01
C VAL A 71 -3.98 8.65 -5.85
N ILE A 72 -3.97 9.98 -5.75
CA ILE A 72 -3.05 10.81 -6.48
C ILE A 72 -1.67 10.58 -5.92
N ALA A 73 -0.75 10.20 -6.80
CA ALA A 73 0.68 10.10 -6.44
C ALA A 73 1.44 11.35 -6.88
N ASP A 74 1.46 11.56 -8.20
CA ASP A 74 2.13 12.71 -8.83
C ASP A 74 1.14 13.85 -9.05
N PHE A 75 1.09 14.82 -8.13
CA PHE A 75 -0.01 15.79 -8.14
C PHE A 75 0.04 16.75 -9.32
N GLU A 76 1.22 17.13 -9.79
CA GLU A 76 1.31 18.03 -10.93
C GLU A 76 0.73 17.40 -12.20
N VAL A 77 1.01 16.12 -12.38
CA VAL A 77 0.61 15.45 -13.62
C VAL A 77 -0.88 15.09 -13.55
N ALA A 78 -1.35 14.69 -12.35
CA ALA A 78 -2.78 14.48 -12.12
C ALA A 78 -3.59 15.75 -12.38
N GLU A 79 -3.09 16.90 -11.92
CA GLU A 79 -3.82 18.16 -12.18
C GLU A 79 -3.91 18.44 -13.66
N GLU A 80 -2.83 18.20 -14.41
CA GLU A 80 -2.87 18.39 -15.85
C GLU A 80 -3.87 17.42 -16.47
N MET A 81 -3.92 16.20 -15.94
CA MET A 81 -4.85 15.19 -16.45
C MET A 81 -6.30 15.63 -16.25
N ILE A 82 -6.61 16.04 -15.04
CA ILE A 82 -7.96 16.48 -14.70
C ILE A 82 -8.34 17.74 -15.51
N LYS A 83 -7.43 18.72 -15.60
CA LYS A 83 -7.68 19.90 -16.43
C LYS A 83 -8.00 19.50 -17.87
N TYR A 84 -7.18 18.64 -18.44
CA TYR A 84 -7.41 18.22 -19.82
C TYR A 84 -8.84 17.67 -19.98
N PHE A 85 -9.20 16.76 -19.10
CA PHE A 85 -10.47 16.05 -19.22
C PHE A 85 -11.66 16.98 -18.96
N ILE A 86 -11.55 17.82 -17.95
CA ILE A 86 -12.62 18.77 -17.64
C ILE A 86 -12.82 19.74 -18.79
N ARG A 87 -11.72 20.21 -19.38
CA ARG A 87 -11.80 21.06 -20.56
C ARG A 87 -12.44 20.32 -21.74
N LYS A 88 -12.06 19.06 -21.94
CA LYS A 88 -12.55 18.29 -23.08
C LYS A 88 -14.07 18.15 -23.08
N VAL A 89 -14.67 18.10 -21.90
CA VAL A 89 -16.11 17.93 -21.83
C VAL A 89 -16.90 19.24 -21.87
N HIS A 90 -16.23 20.36 -21.58
CA HIS A 90 -16.87 21.67 -21.69
C HIS A 90 -17.05 22.08 -23.16
N ASN A 97 -15.44 25.88 -14.48
CA ASN A 97 -16.22 26.58 -13.46
C ASN A 97 -17.24 25.71 -12.71
N PRO A 98 -17.27 24.40 -12.99
CA PRO A 98 -18.39 23.60 -12.46
C PRO A 98 -18.26 23.22 -10.99
N LYS A 99 -19.39 22.86 -10.39
CA LYS A 99 -19.37 22.12 -9.16
C LYS A 99 -19.01 20.69 -9.55
N VAL A 100 -18.18 20.05 -8.73
CA VAL A 100 -17.68 18.74 -9.03
C VAL A 100 -17.86 17.77 -7.87
N ILE A 101 -18.31 16.57 -8.15
CA ILE A 101 -18.17 15.55 -7.13
C ILE A 101 -17.23 14.47 -7.65
N VAL A 102 -16.37 13.98 -6.76
CA VAL A 102 -15.28 13.09 -7.15
C VAL A 102 -15.34 11.91 -6.23
N CYS A 103 -15.08 10.72 -6.76
CA CYS A 103 -15.05 9.52 -5.96
C CYS A 103 -13.70 9.41 -5.28
N VAL A 104 -13.64 8.79 -4.12
CA VAL A 104 -12.36 8.53 -3.48
C VAL A 104 -12.46 7.25 -2.69
N PRO A 105 -11.34 6.53 -2.57
CA PRO A 105 -11.42 5.25 -1.87
C PRO A 105 -11.88 5.50 -0.44
N SER A 106 -12.59 4.57 0.17
CA SER A 106 -13.15 4.81 1.50
C SER A 106 -12.02 4.91 2.54
N GLY A 107 -10.95 4.17 2.31
CA GLY A 107 -9.82 4.21 3.22
C GLY A 107 -8.89 5.39 2.96
N ALA A 108 -9.10 6.16 1.89
CA ALA A 108 -8.22 7.30 1.65
C ALA A 108 -7.92 8.10 2.92
N THR A 109 -6.63 8.31 3.21
CA THR A 109 -6.23 9.09 4.38
C THR A 109 -6.58 10.55 4.19
N ALA A 110 -6.45 11.34 5.25
CA ALA A 110 -6.74 12.76 5.19
C ALA A 110 -5.82 13.48 4.20
N VAL A 111 -4.57 13.05 4.15
CA VAL A 111 -3.62 13.59 3.18
C VAL A 111 -4.15 13.37 1.74
N GLU A 112 -4.49 12.13 1.47
CA GLU A 112 -4.92 11.69 0.13
C GLU A 112 -6.19 12.42 -0.29
N ARG A 113 -7.11 12.66 0.66
CA ARG A 113 -8.37 13.34 0.34
C ARG A 113 -8.15 14.80 0.06
N ARG A 114 -7.26 15.43 0.83
CA ARG A 114 -7.00 16.85 0.60
C ARG A 114 -6.34 17.05 -0.77
N ALA A 115 -5.52 16.09 -1.19
CA ALA A 115 -4.89 16.19 -2.53
C ALA A 115 -5.92 16.14 -3.67
N ILE A 116 -6.92 15.26 -3.56
CA ILE A 116 -7.95 15.22 -4.61
C ILE A 116 -8.64 16.57 -4.67
N ASN A 117 -9.00 17.06 -3.49
CA ASN A 117 -9.74 18.30 -3.37
C ASN A 117 -8.94 19.44 -3.95
N ASP A 118 -7.66 19.54 -3.59
CA ASP A 118 -6.87 20.66 -4.07
C ASP A 118 -6.67 20.54 -5.56
N SER A 119 -6.45 19.33 -6.06
CA SER A 119 -6.12 19.23 -7.48
C SER A 119 -7.34 19.52 -8.34
N CYS A 120 -8.54 19.19 -7.87
CA CYS A 120 -9.74 19.52 -8.64
C CYS A 120 -10.00 21.02 -8.59
N LEU A 121 -9.83 21.60 -7.40
CA LEU A 121 -9.90 23.05 -7.27
C LEU A 121 -8.89 23.68 -8.21
N ASN A 122 -7.64 23.20 -8.16
CA ASN A 122 -6.59 23.72 -9.05
C ASN A 122 -6.91 23.50 -10.51
N ALA A 123 -7.69 22.45 -10.82
CA ALA A 123 -8.01 22.10 -12.21
C ALA A 123 -9.21 22.84 -12.78
N GLY A 124 -9.94 23.58 -11.93
CA GLY A 124 -11.06 24.38 -12.41
C GLY A 124 -12.32 24.35 -11.55
N ALA A 125 -12.43 23.38 -10.65
CA ALA A 125 -13.69 23.23 -9.91
C ALA A 125 -14.04 24.48 -9.10
N ARG A 126 -15.31 24.86 -9.08
CA ARG A 126 -15.78 25.91 -8.17
C ARG A 126 -15.91 25.34 -6.78
N ARG A 127 -16.46 24.13 -6.68
CA ARG A 127 -16.67 23.44 -5.42
C ARG A 127 -16.42 21.95 -5.65
N VAL A 128 -16.02 21.24 -4.59
CA VAL A 128 -15.70 19.82 -4.69
C VAL A 128 -16.32 19.04 -3.55
N GLY A 129 -17.07 18.01 -3.88
CA GLY A 129 -17.58 17.10 -2.88
C GLY A 129 -16.95 15.75 -3.14
N LEU A 130 -16.59 15.04 -2.06
CA LEU A 130 -16.02 13.72 -2.19
C LEU A 130 -17.02 12.65 -1.82
N ILE A 131 -17.16 11.61 -2.65
CA ILE A 131 -18.02 10.51 -2.32
C ILE A 131 -17.21 9.23 -2.21
N ASP A 132 -17.47 8.43 -1.19
CA ASP A 132 -16.74 7.18 -1.03
C ASP A 132 -17.01 6.25 -2.24
N GLU A 133 -15.96 5.69 -2.81
CA GLU A 133 -16.08 4.81 -3.98
C GLU A 133 -17.09 3.68 -3.85
N PRO A 134 -17.10 2.95 -2.72
CA PRO A 134 -18.07 1.85 -2.67
C PRO A 134 -19.51 2.31 -2.57
N MET A 135 -19.78 3.49 -2.02
CA MET A 135 -21.14 4.01 -2.04
C MET A 135 -21.57 4.29 -3.49
N ALA A 136 -20.71 4.95 -4.26
CA ALA A 136 -20.97 5.26 -5.67
C ALA A 136 -21.18 3.98 -6.44
N ALA A 137 -20.24 3.04 -6.26
CA ALA A 137 -20.31 1.73 -6.93
C ALA A 137 -21.65 1.05 -6.64
N ALA A 138 -22.06 1.02 -5.37
CA ALA A 138 -23.34 0.36 -5.02
C ALA A 138 -24.54 1.03 -5.68
N ILE A 139 -24.57 2.36 -5.66
CA ILE A 139 -25.65 3.11 -6.31
C ILE A 139 -25.71 2.77 -7.78
N GLY A 140 -24.55 2.75 -8.42
CA GLY A 140 -24.48 2.57 -9.85
C GLY A 140 -24.77 1.13 -10.26
N ALA A 141 -24.62 0.20 -9.33
CA ALA A 141 -24.93 -1.19 -9.63
C ALA A 141 -26.41 -1.48 -9.29
N GLY A 142 -27.15 -0.45 -8.92
CA GLY A 142 -28.59 -0.57 -8.74
C GLY A 142 -28.97 -1.07 -7.35
N LEU A 143 -28.01 -1.13 -6.41
CA LEU A 143 -28.36 -1.53 -5.06
C LEU A 143 -29.24 -0.49 -4.34
N PRO A 144 -30.16 -0.97 -3.51
CA PRO A 144 -31.08 -0.06 -2.82
C PRO A 144 -30.47 0.54 -1.55
N ILE A 145 -29.48 1.39 -1.75
CA ILE A 145 -28.67 1.90 -0.66
C ILE A 145 -29.40 2.86 0.26
N HIS A 146 -30.58 3.33 -0.16
CA HIS A 146 -31.35 4.30 0.62
C HIS A 146 -32.28 3.62 1.61
N GLU A 147 -32.54 2.35 1.37
CA GLU A 147 -33.42 1.53 2.21
C GLU A 147 -32.74 0.97 3.47
N PRO A 148 -33.55 0.74 4.52
CA PRO A 148 -33.14 0.09 5.77
C PRO A 148 -32.93 -1.39 5.51
N THR A 149 -31.89 -1.69 4.76
CA THR A 149 -31.56 -3.07 4.43
C THR A 149 -30.07 -3.12 4.12
N GLY A 150 -29.45 -4.25 4.43
CA GLY A 150 -28.02 -4.42 4.19
C GLY A 150 -27.72 -4.73 2.74
N SER A 151 -26.84 -3.92 2.15
CA SER A 151 -26.29 -4.18 0.82
C SER A 151 -24.76 -4.27 0.95
N MET A 152 -24.16 -5.26 0.30
CA MET A 152 -22.71 -5.36 0.31
C MET A 152 -22.15 -5.29 -1.10
N VAL A 153 -21.15 -4.44 -1.25
CA VAL A 153 -20.50 -4.23 -2.52
C VAL A 153 -18.99 -4.49 -2.39
N VAL A 154 -18.41 -5.02 -3.45
CA VAL A 154 -16.96 -5.13 -3.53
C VAL A 154 -16.55 -4.53 -4.87
N ASP A 155 -15.78 -3.45 -4.84
CA ASP A 155 -15.40 -2.79 -6.07
C ASP A 155 -13.90 -2.98 -6.23
N ILE A 156 -13.52 -3.66 -7.30
CA ILE A 156 -12.17 -4.07 -7.48
C ILE A 156 -11.64 -3.26 -8.65
N GLY A 157 -10.80 -2.29 -8.34
CA GLY A 157 -10.27 -1.42 -9.35
C GLY A 157 -8.85 -1.78 -9.73
N GLY A 158 -8.17 -0.87 -10.40
CA GLY A 158 -6.76 -1.07 -10.68
C GLY A 158 -5.87 -0.88 -9.46
N GLY A 159 -6.24 0.04 -8.57
CA GLY A 159 -5.42 0.37 -7.42
C GLY A 159 -5.85 -0.18 -6.08
N THR A 160 -7.16 -0.23 -5.83
CA THR A 160 -7.65 -0.71 -4.57
C THR A 160 -8.85 -1.60 -4.79
N THR A 161 -9.11 -2.41 -3.78
CA THR A 161 -10.35 -3.12 -3.71
C THR A 161 -11.09 -2.54 -2.52
N GLU A 162 -12.33 -2.12 -2.74
CA GLU A 162 -13.16 -1.51 -1.71
C GLU A 162 -14.26 -2.48 -1.31
N VAL A 163 -14.37 -2.81 -0.04
CA VAL A 163 -15.46 -3.65 0.42
C VAL A 163 -16.32 -2.81 1.34
N ALA A 164 -17.63 -2.85 1.16
CA ALA A 164 -18.50 -2.08 2.07
C ALA A 164 -19.88 -2.69 2.27
N VAL A 165 -20.45 -2.39 3.42
CA VAL A 165 -21.84 -2.70 3.72
C VAL A 165 -22.53 -1.37 3.88
N LEU A 166 -23.60 -1.19 3.12
CA LEU A 166 -24.32 0.08 3.06
C LEU A 166 -25.75 -0.09 3.54
N SER A 167 -26.31 0.98 4.09
CA SER A 167 -27.68 0.99 4.55
C SER A 167 -28.09 2.42 4.79
N LEU A 168 -29.36 2.71 4.51
CA LEU A 168 -29.94 4.00 4.84
C LEU A 168 -29.01 5.14 4.40
N SER A 169 -28.51 5.03 3.18
CA SER A 169 -27.77 6.13 2.56
C SER A 169 -26.43 6.33 3.19
N GLY A 170 -25.97 5.34 3.95
CA GLY A 170 -24.69 5.49 4.59
C GLY A 170 -23.87 4.22 4.57
N ILE A 171 -22.70 4.34 5.15
CA ILE A 171 -21.76 3.25 5.23
C ILE A 171 -21.85 2.66 6.63
N VAL A 172 -22.14 1.37 6.71
CA VAL A 172 -22.09 0.62 7.96
C VAL A 172 -20.67 0.15 8.25
N TYR A 173 -20.03 -0.41 7.22
CA TYR A 173 -18.65 -0.83 7.30
C TYR A 173 -18.00 -0.51 5.96
N SER A 174 -16.72 -0.20 5.94
CA SER A 174 -16.00 -0.08 4.68
C SER A 174 -14.53 -0.24 4.91
N ARG A 175 -13.82 -0.64 3.87
CA ARG A 175 -12.38 -0.79 3.97
C ARG A 175 -11.82 -0.83 2.57
N SER A 176 -10.66 -0.21 2.41
CA SER A 176 -9.92 -0.19 1.15
C SER A 176 -8.70 -1.07 1.32
N VAL A 177 -8.49 -2.04 0.44
CA VAL A 177 -7.26 -2.81 0.46
C VAL A 177 -6.48 -2.51 -0.81
N ARG A 178 -5.16 -2.30 -0.68
CA ARG A 178 -4.33 -1.96 -1.84
C ARG A 178 -3.96 -3.16 -2.69
N VAL A 179 -4.97 -3.79 -3.25
CA VAL A 179 -4.80 -4.91 -4.13
C VAL A 179 -5.90 -4.75 -5.12
N GLY A 180 -5.55 -5.01 -6.38
CA GLY A 180 -6.47 -4.94 -7.48
C GLY A 180 -5.70 -5.22 -8.75
N GLY A 181 -6.16 -4.65 -9.85
CA GLY A 181 -5.70 -5.00 -11.18
C GLY A 181 -4.21 -4.79 -11.40
N ASP A 182 -3.65 -3.69 -10.89
CA ASP A 182 -2.20 -3.44 -11.04
C ASP A 182 -1.37 -4.52 -10.35
N LYS A 183 -1.76 -4.91 -9.14
CA LYS A 183 -1.02 -5.94 -8.42
C LYS A 183 -1.18 -7.26 -9.16
N MET A 184 -2.34 -7.48 -9.77
CA MET A 184 -2.52 -8.68 -10.60
C MET A 184 -1.57 -8.66 -11.79
N ASP A 185 -1.44 -7.52 -12.47
CA ASP A 185 -0.54 -7.44 -13.62
C ASP A 185 0.91 -7.75 -13.16
N GLU A 186 1.29 -7.16 -12.05
CA GLU A 186 2.64 -7.31 -11.50
C GLU A 186 2.93 -8.76 -11.11
N ALA A 187 1.95 -9.43 -10.54
CA ALA A 187 2.09 -10.86 -10.26
C ALA A 187 2.32 -11.67 -11.55
N ILE A 188 1.66 -11.27 -12.62
CA ILE A 188 1.84 -11.97 -13.89
C ILE A 188 3.22 -11.71 -14.49
N ILE A 189 3.67 -10.46 -14.49
CA ILE A 189 5.03 -10.11 -14.93
C ILE A 189 6.11 -10.91 -14.14
N SER A 190 5.95 -10.96 -12.82
CA SER A 190 6.87 -11.66 -11.95
C SER A 190 6.85 -13.18 -12.25
N TYR A 191 5.66 -13.72 -12.44
CA TYR A 191 5.51 -15.11 -12.80
C TYR A 191 6.23 -15.45 -14.11
N MET A 192 6.06 -14.65 -15.15
CA MET A 192 6.70 -14.92 -16.43
C MET A 192 8.24 -14.89 -16.28
N ARG A 193 8.74 -14.04 -15.41
CA ARG A 193 10.17 -13.87 -15.23
C ARG A 193 10.75 -15.05 -14.46
N ARG A 194 10.06 -15.47 -13.40
CA ARG A 194 10.58 -16.50 -12.52
C ARG A 194 10.42 -17.88 -13.12
N HIS A 195 9.38 -18.10 -13.92
CA HIS A 195 9.07 -19.43 -14.37
C HIS A 195 9.44 -19.65 -15.81
N HIS A 196 9.51 -18.59 -16.59
CA HIS A 196 9.87 -18.72 -18.00
C HIS A 196 11.08 -17.90 -18.39
N ASN A 197 11.78 -17.31 -17.42
CA ASN A 197 12.85 -16.34 -17.71
C ASN A 197 12.52 -15.46 -18.91
N LEU A 198 11.28 -15.01 -18.97
CA LEU A 198 10.88 -14.06 -20.01
C LEU A 198 10.46 -12.72 -19.41
N LEU A 199 11.02 -11.64 -19.94
CA LEU A 199 10.59 -10.30 -19.58
C LEU A 199 9.40 -9.86 -20.42
N ILE A 200 8.25 -9.64 -19.78
CA ILE A 200 7.11 -9.03 -20.47
C ILE A 200 6.78 -7.69 -19.84
N GLY A 201 6.03 -6.87 -20.58
CA GLY A 201 5.60 -5.59 -20.09
C GLY A 201 4.17 -5.58 -19.58
N GLU A 202 3.75 -4.40 -19.14
CA GLU A 202 2.43 -4.20 -18.49
C GLU A 202 1.25 -4.49 -19.45
N THR A 203 1.40 -4.14 -20.72
CA THR A 203 0.34 -4.37 -21.70
C THR A 203 0.12 -5.85 -21.99
N THR A 204 1.19 -6.61 -22.12
CA THR A 204 1.09 -8.05 -22.29
C THR A 204 0.51 -8.74 -21.01
N ALA A 205 0.90 -8.27 -19.83
CA ALA A 205 0.43 -8.84 -18.57
C ALA A 205 -1.08 -8.64 -18.46
N GLU A 206 -1.56 -7.45 -18.82
CA GLU A 206 -2.96 -7.15 -18.76
C GLU A 206 -3.76 -8.00 -19.76
N ARG A 207 -3.21 -8.20 -20.95
CA ARG A 207 -3.82 -9.10 -21.91
C ARG A 207 -3.92 -10.53 -21.38
N ILE A 208 -2.89 -11.03 -20.73
CA ILE A 208 -2.95 -12.35 -20.12
C ILE A 208 -4.09 -12.39 -19.08
N LYS A 209 -4.13 -11.38 -18.24
CA LYS A 209 -5.10 -11.36 -17.16
C LYS A 209 -6.53 -11.40 -17.70
N LYS A 210 -6.80 -10.61 -18.73
CA LYS A 210 -8.14 -10.52 -19.30
C LYS A 210 -8.48 -11.75 -20.11
N GLU A 211 -7.48 -12.32 -20.81
CA GLU A 211 -7.75 -13.47 -21.69
C GLU A 211 -7.79 -14.80 -20.94
N ILE A 212 -6.85 -15.08 -20.06
CA ILE A 212 -6.90 -16.38 -19.36
C ILE A 212 -6.79 -16.28 -17.86
N GLY A 213 -6.70 -15.06 -17.35
CA GLY A 213 -6.59 -14.89 -15.92
C GLY A 213 -7.86 -15.39 -15.24
N THR A 214 -7.69 -16.02 -14.10
CA THR A 214 -8.81 -16.56 -13.35
C THR A 214 -8.53 -16.68 -11.86
N ALA A 215 -9.60 -16.77 -11.09
CA ALA A 215 -9.53 -16.80 -9.64
C ALA A 215 -9.45 -18.20 -9.01
N ARG A 216 -9.58 -19.22 -9.84
CA ARG A 216 -9.47 -20.61 -9.39
C ARG A 216 -8.95 -21.46 -10.55
N ALA A 217 -7.96 -22.32 -10.26
CA ALA A 217 -7.40 -23.17 -11.31
C ALA A 217 -8.52 -24.02 -11.90
N PRO A 218 -8.47 -24.29 -13.21
CA PRO A 218 -9.52 -25.13 -13.81
C PRO A 218 -9.28 -26.60 -13.50
N GLU A 222 -5.24 -27.65 -16.81
CA GLU A 222 -4.41 -26.54 -17.26
C GLU A 222 -5.25 -25.53 -18.05
N GLY A 223 -6.34 -26.00 -18.64
CA GLY A 223 -7.34 -25.11 -19.23
C GLY A 223 -6.83 -24.39 -20.45
N LEU A 224 -7.50 -23.30 -20.83
CA LEU A 224 -7.14 -22.57 -22.04
C LEU A 224 -5.73 -21.98 -21.95
N SER A 225 -5.25 -21.45 -23.07
CA SER A 225 -3.89 -20.94 -23.13
C SER A 225 -3.77 -19.81 -24.12
N ILE A 226 -2.76 -18.97 -23.94
CA ILE A 226 -2.42 -18.02 -24.99
C ILE A 226 -0.90 -17.85 -25.19
N ASP A 227 -0.56 -17.26 -26.33
CA ASP A 227 0.82 -17.04 -26.69
C ASP A 227 1.16 -15.59 -26.48
N VAL A 228 2.21 -15.33 -25.72
CA VAL A 228 2.65 -13.96 -25.57
C VAL A 228 4.12 -13.84 -25.90
N LYS A 229 4.56 -12.62 -26.09
CA LYS A 229 5.91 -12.37 -26.48
C LYS A 229 6.55 -11.40 -25.51
N GLY A 230 7.85 -11.55 -25.35
CA GLY A 230 8.63 -10.55 -24.63
C GLY A 230 10.09 -10.74 -24.96
N ARG A 231 10.94 -10.37 -24.03
CA ARG A 231 12.37 -10.52 -24.20
C ARG A 231 12.89 -11.71 -23.42
N ASP A 232 13.51 -12.63 -24.13
CA ASP A 232 14.14 -13.76 -23.49
C ASP A 232 15.37 -13.27 -22.71
N LEU A 233 15.43 -13.60 -21.43
CA LEU A 233 16.45 -13.03 -20.57
C LEU A 233 17.82 -13.65 -20.80
N MET A 234 17.81 -14.93 -21.13
CA MET A 234 19.05 -15.64 -21.38
C MET A 234 19.64 -15.28 -22.76
N GLN A 235 18.80 -15.23 -23.80
CA GLN A 235 19.28 -15.00 -25.16
C GLN A 235 19.23 -13.56 -25.67
N GLY A 236 18.54 -12.68 -24.96
CA GLY A 236 18.45 -11.29 -25.36
C GLY A 236 17.74 -11.04 -26.69
N VAL A 237 16.87 -11.95 -27.13
CA VAL A 237 16.08 -11.73 -28.34
C VAL A 237 14.60 -11.90 -28.01
N PRO A 238 13.71 -11.42 -28.90
CA PRO A 238 12.28 -11.66 -28.63
C PRO A 238 11.98 -13.16 -28.65
N ARG A 239 11.05 -13.58 -27.79
CA ARG A 239 10.65 -14.97 -27.74
C ARG A 239 9.16 -15.05 -27.44
N GLU A 240 8.52 -16.08 -28.01
CA GLU A 240 7.10 -16.30 -27.87
C GLU A 240 6.95 -17.45 -26.90
N VAL A 241 6.12 -17.28 -25.88
CA VAL A 241 5.87 -18.33 -24.92
C VAL A 241 4.35 -18.57 -24.81
N ARG A 242 3.98 -19.82 -24.53
CA ARG A 242 2.59 -20.21 -24.31
C ARG A 242 2.30 -20.31 -22.82
N ILE A 243 1.23 -19.66 -22.38
CA ILE A 243 0.86 -19.66 -20.95
C ILE A 243 -0.57 -20.19 -20.79
N SER A 244 -0.77 -21.05 -19.79
CA SER A 244 -2.06 -21.69 -19.55
C SER A 244 -2.84 -21.05 -18.42
N GLU A 245 -4.14 -21.29 -18.42
CA GLU A 245 -5.02 -20.79 -17.38
C GLU A 245 -4.49 -21.19 -16.00
N LYS A 246 -4.00 -22.41 -15.87
CA LYS A 246 -3.46 -22.88 -14.59
C LYS A 246 -2.28 -22.05 -14.11
N GLN A 247 -1.41 -21.67 -15.03
CA GLN A 247 -0.26 -20.86 -14.67
C GLN A 247 -0.74 -19.46 -14.26
N ALA A 248 -1.68 -18.93 -15.04
CA ALA A 248 -2.25 -17.62 -14.72
C ALA A 248 -2.97 -17.69 -13.36
N ALA A 249 -3.63 -18.82 -13.09
CA ALA A 249 -4.32 -18.99 -11.81
C ALA A 249 -3.34 -18.95 -10.67
N ASP A 250 -2.19 -19.57 -10.87
CA ASP A 250 -1.17 -19.65 -9.82
C ASP A 250 -0.52 -18.29 -9.59
N ALA A 251 -0.29 -17.56 -10.67
CA ALA A 251 0.27 -16.21 -10.59
C ALA A 251 -0.68 -15.30 -9.80
N LEU A 252 -1.98 -15.46 -10.06
CA LEU A 252 -2.99 -14.59 -9.44
C LEU A 252 -3.47 -15.03 -8.07
N ALA A 253 -3.00 -16.18 -7.59
CA ALA A 253 -3.55 -16.74 -6.33
C ALA A 253 -3.36 -15.82 -5.11
N GLU A 254 -2.20 -15.18 -5.00
CA GLU A 254 -1.92 -14.32 -3.85
C GLU A 254 -2.90 -13.13 -3.82
N PRO A 255 -2.94 -12.29 -4.87
CA PRO A 255 -3.87 -11.15 -4.82
C PRO A 255 -5.34 -11.55 -4.68
N VAL A 256 -5.74 -12.63 -5.34
CA VAL A 256 -7.11 -13.08 -5.23
C VAL A 256 -7.45 -13.46 -3.80
N GLY A 257 -6.52 -14.15 -3.12
CA GLY A 257 -6.71 -14.52 -1.74
C GLY A 257 -6.84 -13.31 -0.84
N GLN A 258 -6.12 -12.25 -1.16
CA GLN A 258 -6.29 -11.01 -0.39
C GLN A 258 -7.70 -10.41 -0.48
N ILE A 259 -8.26 -10.42 -1.67
CA ILE A 259 -9.58 -9.85 -1.89
C ILE A 259 -10.61 -10.64 -1.12
N VAL A 260 -10.55 -11.96 -1.26
CA VAL A 260 -11.42 -12.88 -0.53
C VAL A 260 -11.36 -12.72 1.01
N GLU A 261 -10.15 -12.53 1.55
CA GLU A 261 -9.99 -12.35 2.99
C GLU A 261 -10.60 -11.01 3.42
N ALA A 262 -10.48 -9.98 2.57
CA ALA A 262 -11.10 -8.69 2.86
C ALA A 262 -12.62 -8.81 2.95
N VAL A 263 -13.21 -9.64 2.09
CA VAL A 263 -14.64 -9.89 2.13
C VAL A 263 -15.05 -10.56 3.45
N LYS A 264 -14.33 -11.62 3.82
CA LYS A 264 -14.61 -12.31 5.08
C LYS A 264 -14.44 -11.37 6.29
N VAL A 265 -13.36 -10.59 6.31
CA VAL A 265 -13.21 -9.59 7.36
C VAL A 265 -14.44 -8.66 7.44
N ALA A 266 -14.91 -8.16 6.29
CA ALA A 266 -16.07 -7.28 6.31
C ALA A 266 -17.30 -8.02 6.90
N LEU A 267 -17.52 -9.25 6.47
CA LEU A 267 -18.70 -9.99 6.92
C LEU A 267 -18.70 -10.17 8.44
N GLU A 268 -17.51 -10.33 9.03
CA GLU A 268 -17.45 -10.57 10.46
C GLU A 268 -17.78 -9.31 11.26
N ALA A 269 -17.62 -8.15 10.65
CA ALA A 269 -17.90 -6.89 11.31
C ALA A 269 -19.36 -6.46 11.16
N THR A 270 -20.14 -7.21 10.39
CA THR A 270 -21.48 -6.74 10.01
C THR A 270 -22.50 -7.02 11.12
N PRO A 271 -23.26 -5.99 11.53
CA PRO A 271 -24.34 -6.23 12.52
C PRO A 271 -25.29 -7.36 12.06
N PRO A 272 -25.80 -8.15 13.00
CA PRO A 272 -26.50 -9.36 12.59
C PRO A 272 -27.74 -9.17 11.69
N GLU A 273 -28.51 -8.08 11.81
CA GLU A 273 -29.69 -7.96 10.94
C GLU A 273 -29.24 -7.63 9.52
N LEU A 274 -28.14 -6.91 9.40
CA LEU A 274 -27.59 -6.59 8.07
C LEU A 274 -26.95 -7.82 7.48
N ALA A 275 -26.37 -8.65 8.34
CA ALA A 275 -25.82 -9.94 7.93
C ALA A 275 -26.91 -10.85 7.41
N SER A 276 -28.04 -10.84 8.11
CA SER A 276 -29.23 -11.55 7.64
C SER A 276 -29.64 -11.03 6.23
N ASP A 277 -29.69 -9.71 6.03
CA ASP A 277 -30.04 -9.14 4.73
C ASP A 277 -29.08 -9.62 3.65
N ILE A 278 -27.80 -9.69 4.00
CA ILE A 278 -26.78 -10.00 3.00
C ILE A 278 -26.85 -11.47 2.64
N ALA A 279 -27.13 -12.31 3.62
CA ALA A 279 -27.40 -13.72 3.37
C ALA A 279 -28.47 -13.93 2.29
N ASP A 280 -29.45 -13.03 2.22
CA ASP A 280 -30.51 -13.14 1.19
C ASP A 280 -30.02 -12.62 -0.16
N LYS A 281 -29.62 -11.35 -0.17
CA LYS A 281 -29.26 -10.62 -1.38
C LYS A 281 -27.91 -11.04 -1.99
N GLY A 282 -27.00 -11.48 -1.14
CA GLY A 282 -25.65 -11.82 -1.57
C GLY A 282 -24.74 -10.60 -1.68
N ILE A 283 -23.64 -10.76 -2.42
CA ILE A 283 -22.68 -9.70 -2.58
C ILE A 283 -22.67 -9.24 -4.03
N MET A 284 -22.51 -7.93 -4.26
CA MET A 284 -22.40 -7.39 -5.62
C MET A 284 -20.94 -7.00 -5.93
N LEU A 285 -20.42 -7.45 -7.07
CA LEU A 285 -19.05 -7.12 -7.47
C LEU A 285 -19.08 -6.02 -8.54
N THR A 286 -18.27 -4.99 -8.38
CA THR A 286 -18.19 -3.93 -9.40
C THR A 286 -16.73 -3.62 -9.71
N GLY A 287 -16.48 -2.70 -10.62
CA GLY A 287 -15.13 -2.37 -11.01
C GLY A 287 -14.59 -3.31 -12.09
N GLY A 288 -13.55 -2.89 -12.81
CA GLY A 288 -13.01 -3.71 -13.88
C GLY A 288 -12.50 -5.05 -13.37
N GLY A 289 -12.04 -5.10 -12.13
CA GLY A 289 -11.54 -6.34 -11.54
C GLY A 289 -12.64 -7.36 -11.28
N ALA A 290 -13.89 -6.91 -11.25
CA ALA A 290 -15.03 -7.82 -11.13
C ALA A 290 -15.17 -8.74 -12.34
N LEU A 291 -14.50 -8.40 -13.44
CA LEU A 291 -14.53 -9.25 -14.62
C LEU A 291 -13.51 -10.38 -14.60
N LEU A 292 -12.64 -10.42 -13.60
CA LEU A 292 -11.70 -11.51 -13.49
C LEU A 292 -12.48 -12.82 -13.46
N ARG A 293 -12.19 -13.69 -14.41
CA ARG A 293 -12.92 -14.94 -14.54
C ARG A 293 -12.98 -15.76 -13.24
N GLY A 294 -14.19 -16.13 -12.86
CA GLY A 294 -14.40 -17.00 -11.72
C GLY A 294 -14.32 -16.30 -10.37
N LEU A 295 -14.09 -15.00 -10.34
CA LEU A 295 -13.91 -14.32 -9.05
C LEU A 295 -15.20 -14.46 -8.24
N ASP A 296 -16.32 -14.33 -8.92
CA ASP A 296 -17.63 -14.50 -8.27
C ASP A 296 -17.80 -15.87 -7.60
N ALA A 297 -17.48 -16.94 -8.33
CA ALA A 297 -17.50 -18.30 -7.78
C ALA A 297 -16.57 -18.48 -6.57
N GLU A 298 -15.36 -17.93 -6.66
CA GLU A 298 -14.40 -18.03 -5.57
C GLU A 298 -14.89 -17.35 -4.30
N ILE A 299 -15.42 -16.14 -4.42
CA ILE A 299 -15.97 -15.45 -3.26
C ILE A 299 -17.16 -16.28 -2.69
N ARG A 300 -17.97 -16.82 -3.59
CA ARG A 300 -19.07 -17.67 -3.22
C ARG A 300 -18.59 -18.85 -2.37
N ASP A 301 -17.58 -19.58 -2.88
CA ASP A 301 -17.04 -20.75 -2.21
C ASP A 301 -16.60 -20.45 -0.80
N HIS A 302 -15.99 -19.29 -0.59
CA HIS A 302 -15.38 -18.97 0.68
C HIS A 302 -16.30 -18.29 1.68
N THR A 303 -17.47 -17.85 1.22
CA THR A 303 -18.38 -17.14 2.11
C THR A 303 -19.71 -17.86 2.35
N GLY A 304 -20.13 -18.66 1.39
CA GLY A 304 -21.44 -19.29 1.45
C GLY A 304 -22.54 -18.45 0.85
N LEU A 305 -22.21 -17.26 0.35
CA LEU A 305 -23.21 -16.32 -0.14
C LEU A 305 -23.30 -16.22 -1.64
N PRO A 306 -24.48 -15.84 -2.16
CA PRO A 306 -24.57 -15.53 -3.59
C PRO A 306 -23.66 -14.35 -3.94
N VAL A 307 -23.02 -14.42 -5.09
CA VAL A 307 -22.20 -13.33 -5.58
C VAL A 307 -22.64 -13.00 -7.00
N THR A 308 -22.94 -11.74 -7.23
CA THR A 308 -23.44 -11.26 -8.52
C THR A 308 -22.41 -10.27 -9.06
N VAL A 309 -22.17 -10.28 -10.37
CA VAL A 309 -21.30 -9.29 -11.01
C VAL A 309 -22.22 -8.26 -11.61
N ALA A 310 -21.98 -6.99 -11.32
CA ALA A 310 -22.80 -5.94 -11.90
C ALA A 310 -22.66 -5.97 -13.41
N ASP A 311 -23.70 -5.56 -14.13
CA ASP A 311 -23.56 -5.35 -15.57
C ASP A 311 -22.63 -4.17 -15.83
N ASP A 312 -21.78 -4.31 -16.85
CA ASP A 312 -20.81 -3.26 -17.19
C ASP A 312 -20.15 -2.70 -15.92
N PRO A 313 -19.43 -3.55 -15.18
CA PRO A 313 -18.92 -3.10 -13.88
C PRO A 313 -17.91 -1.95 -13.95
N LEU A 314 -17.30 -1.70 -15.11
CA LEU A 314 -16.36 -0.58 -15.22
C LEU A 314 -17.03 0.76 -15.00
N SER A 315 -18.34 0.82 -15.18
CA SER A 315 -18.99 2.12 -15.14
C SER A 315 -19.89 2.38 -13.91
N CYS A 316 -19.98 1.43 -12.97
CA CYS A 316 -20.84 1.59 -11.79
C CYS A 316 -20.55 2.84 -10.96
N VAL A 317 -19.28 3.06 -10.61
CA VAL A 317 -18.92 4.21 -9.82
C VAL A 317 -19.36 5.53 -10.50
N ALA A 318 -19.13 5.66 -11.80
CA ALA A 318 -19.45 6.90 -12.46
C ALA A 318 -20.96 7.12 -12.53
N LEU A 319 -21.72 6.05 -12.81
CA LEU A 319 -23.18 6.12 -12.84
C LEU A 319 -23.73 6.45 -11.45
N GLY A 320 -23.09 5.91 -10.40
CA GLY A 320 -23.47 6.20 -9.02
C GLY A 320 -23.27 7.66 -8.66
N CYS A 321 -22.10 8.18 -8.96
CA CYS A 321 -21.83 9.60 -8.75
C CYS A 321 -22.79 10.46 -9.55
N GLY A 322 -23.14 9.98 -10.74
CA GLY A 322 -24.08 10.70 -11.59
C GLY A 322 -25.46 10.76 -10.98
N LYS A 323 -25.92 9.65 -10.43
CA LYS A 323 -27.26 9.65 -9.82
C LYS A 323 -27.30 10.65 -8.66
N VAL A 324 -26.19 10.84 -7.95
CA VAL A 324 -26.12 11.83 -6.88
C VAL A 324 -26.28 13.26 -7.41
N LEU A 325 -25.67 13.51 -8.57
CA LEU A 325 -25.76 14.77 -9.25
C LEU A 325 -27.21 15.08 -9.65
N GLU A 326 -27.97 14.05 -9.99
CA GLU A 326 -29.34 14.22 -10.42
C GLU A 326 -30.30 14.38 -9.23
N HIS A 327 -29.83 14.12 -8.00
CA HIS A 327 -30.65 14.32 -6.79
C HIS A 327 -30.01 15.30 -5.82
N ASP B 5 18.15 22.10 13.57
CA ASP B 5 19.44 21.49 13.82
C ASP B 5 19.25 20.06 14.30
N ILE B 6 18.18 19.42 13.81
CA ILE B 6 17.85 18.05 14.22
C ILE B 6 17.55 17.23 13.00
N ALA B 7 17.65 15.93 13.16
CA ALA B 7 17.21 14.97 12.19
C ALA B 7 16.15 14.11 12.85
N ILE B 8 15.06 13.88 12.12
CA ILE B 8 13.94 13.10 12.60
C ILE B 8 13.76 11.85 11.75
N ASP B 9 13.86 10.71 12.41
CA ASP B 9 13.42 9.44 11.84
C ASP B 9 11.98 9.26 12.30
N LEU B 10 11.09 9.65 11.41
CA LEU B 10 9.66 9.69 11.66
C LEU B 10 9.07 8.38 11.21
N GLY B 11 8.99 7.40 12.09
CA GLY B 11 8.62 6.06 11.66
C GLY B 11 7.20 5.67 12.08
N THR B 12 6.68 4.61 11.46
CA THR B 12 5.38 4.09 11.85
C THR B 12 5.29 3.59 13.28
N ALA B 13 6.39 3.04 13.77
CA ALA B 13 6.41 2.45 15.10
C ALA B 13 7.16 3.35 16.08
N ASN B 14 8.34 3.83 15.67
CA ASN B 14 9.19 4.64 16.52
C ASN B 14 9.73 5.90 15.84
N THR B 15 9.68 6.99 16.59
CA THR B 15 10.23 8.25 16.18
C THR B 15 11.50 8.54 16.98
N LEU B 16 12.57 8.83 16.25
CA LEU B 16 13.85 9.20 16.85
C LEU B 16 14.27 10.58 16.40
N ILE B 17 14.79 11.36 17.34
CA ILE B 17 15.37 12.66 17.00
C ILE B 17 16.85 12.64 17.38
N TYR B 18 17.68 13.02 16.42
CA TYR B 18 19.11 13.19 16.60
C TYR B 18 19.41 14.68 16.48
N GLN B 19 20.02 15.23 17.51
CA GLN B 19 20.36 16.64 17.45
C GLN B 19 21.85 16.83 17.18
N LYS B 20 22.14 17.72 16.25
CA LYS B 20 23.52 18.02 15.88
C LYS B 20 24.35 18.37 17.12
N GLY B 21 25.47 17.70 17.30
CA GLY B 21 26.32 17.94 18.46
C GLY B 21 25.95 17.16 19.71
N LYS B 22 24.68 16.77 19.84
CA LYS B 22 24.24 16.09 21.06
C LYS B 22 24.02 14.58 20.85
N GLY B 23 23.56 14.17 19.68
CA GLY B 23 23.33 12.75 19.42
C GLY B 23 21.86 12.41 19.55
N ILE B 24 21.51 11.17 19.84
CA ILE B 24 20.09 10.81 19.99
C ILE B 24 19.50 11.43 21.24
N VAL B 25 18.52 12.32 21.07
CA VAL B 25 17.94 13.02 22.21
C VAL B 25 16.51 12.59 22.45
N LEU B 26 15.95 11.83 21.51
CA LEU B 26 14.59 11.30 21.69
C LEU B 26 14.39 10.00 20.93
N ASN B 27 13.71 9.06 21.55
CA ASN B 27 13.27 7.85 20.86
C ASN B 27 11.99 7.37 21.54
N GLU B 28 10.86 7.59 20.89
CA GLU B 28 9.58 7.26 21.48
C GLU B 28 8.65 6.66 20.44
N PRO B 29 7.74 5.81 20.88
CA PRO B 29 6.69 5.26 20.00
C PRO B 29 5.88 6.35 19.33
N SER B 30 5.56 6.10 18.06
CA SER B 30 4.83 7.06 17.23
C SER B 30 3.35 6.89 17.49
N VAL B 31 2.93 7.25 18.69
CA VAL B 31 1.57 7.06 19.13
C VAL B 31 1.08 8.31 19.82
N VAL B 32 -0.18 8.64 19.59
CA VAL B 32 -0.78 9.75 20.25
C VAL B 32 -2.12 9.27 20.81
N ALA B 33 -2.38 9.56 22.08
CA ALA B 33 -3.69 9.28 22.69
C ALA B 33 -4.51 10.58 22.80
N LEU B 34 -5.76 10.49 22.34
CA LEU B 34 -6.65 11.62 22.34
C LEU B 34 -7.76 11.32 23.35
N ARG B 35 -8.19 12.34 24.09
CA ARG B 35 -9.28 12.22 25.06
C ARG B 35 -10.46 13.08 24.59
N ASN B 36 -11.65 12.49 24.62
CA ASN B 36 -12.87 13.20 24.29
C ASN B 36 -13.38 13.93 25.53
N VAL B 37 -13.38 15.26 25.47
CA VAL B 37 -13.76 16.12 26.58
C VAL B 37 -14.90 17.01 26.14
N GLY B 38 -16.12 16.66 26.54
CA GLY B 38 -17.28 17.44 26.16
C GLY B 38 -17.32 17.76 24.68
N GLY B 39 -17.47 16.73 23.85
CA GLY B 39 -17.62 16.90 22.42
C GLY B 39 -16.33 17.19 21.65
N ARG B 40 -15.29 17.62 22.36
CA ARG B 40 -14.04 18.06 21.73
C ARG B 40 -12.88 17.07 22.00
N LYS B 41 -12.01 16.88 21.02
CA LYS B 41 -10.82 16.05 21.26
C LYS B 41 -9.59 16.86 21.67
N VAL B 42 -8.91 16.40 22.72
CA VAL B 42 -7.66 16.99 23.14
C VAL B 42 -6.55 15.93 23.20
N VAL B 43 -5.33 16.36 22.93
CA VAL B 43 -4.19 15.46 23.04
C VAL B 43 -4.00 15.07 24.51
N HIS B 44 -4.05 13.78 24.78
CA HIS B 44 -3.94 13.30 26.15
C HIS B 44 -2.51 12.88 26.47
N ALA B 45 -1.90 12.07 25.60
CA ALA B 45 -0.54 11.60 25.79
C ALA B 45 0.11 11.36 24.42
N VAL B 46 1.44 11.51 24.37
CA VAL B 46 2.20 11.21 23.16
C VAL B 46 3.42 10.39 23.52
N GLY B 47 3.67 9.32 22.75
CA GLY B 47 4.88 8.56 22.94
C GLY B 47 4.70 7.35 23.83
N ILE B 48 5.65 7.21 24.74
CA ILE B 48 5.77 6.04 25.59
C ILE B 48 4.45 5.73 26.28
N GLU B 49 3.93 6.70 27.02
CA GLU B 49 2.62 6.55 27.71
C GLU B 49 1.47 6.17 26.79
N ALA B 50 1.45 6.69 25.57
CA ALA B 50 0.31 6.39 24.67
C ALA B 50 0.40 4.98 24.03
N LYS B 51 1.61 4.49 23.81
CA LYS B 51 1.76 3.18 23.19
C LYS B 51 1.17 2.10 24.10
N GLN B 52 1.37 2.26 25.40
CA GLN B 52 0.83 1.35 26.39
C GLN B 52 -0.71 1.28 26.32
N MET B 53 -1.31 2.29 25.73
CA MET B 53 -2.77 2.37 25.67
C MET B 53 -3.40 1.60 24.52
N LEU B 54 -2.61 1.27 23.50
CA LEU B 54 -3.10 0.57 22.31
C LEU B 54 -3.87 -0.70 22.62
N GLY B 55 -5.07 -0.81 22.07
CA GLY B 55 -5.93 -1.96 22.29
C GLY B 55 -6.48 -2.03 23.71
N ARG B 56 -6.28 -0.97 24.50
CA ARG B 56 -6.65 -1.01 25.91
C ARG B 56 -7.40 0.26 26.36
N THR B 57 -7.92 1.04 25.43
CA THR B 57 -8.54 2.33 25.82
C THR B 57 -9.99 2.18 26.27
N PRO B 58 -10.41 2.97 27.30
CA PRO B 58 -11.85 3.07 27.60
C PRO B 58 -12.58 3.91 26.55
N GLY B 59 -13.88 4.06 26.71
CA GLY B 59 -14.72 4.69 25.71
C GLY B 59 -14.38 6.15 25.49
N HIS B 60 -13.88 6.85 26.50
CA HIS B 60 -13.67 8.27 26.30
C HIS B 60 -12.34 8.58 25.57
N MET B 61 -11.60 7.54 25.19
CA MET B 61 -10.22 7.76 24.71
C MET B 61 -9.89 7.00 23.44
N GLU B 62 -8.83 7.45 22.76
CA GLU B 62 -8.44 6.89 21.50
C GLU B 62 -6.90 6.93 21.32
N ALA B 63 -6.29 5.78 21.04
CA ALA B 63 -4.84 5.70 20.78
C ALA B 63 -4.62 5.52 19.29
N ILE B 64 -3.92 6.48 18.68
CA ILE B 64 -3.79 6.60 17.23
C ILE B 64 -2.29 6.50 16.81
N ARG B 65 -2.03 5.71 15.78
CA ARG B 65 -0.74 5.67 15.12
C ARG B 65 -0.90 6.48 13.83
N PRO B 66 -0.46 7.74 13.84
CA PRO B 66 -0.81 8.61 12.71
C PRO B 66 0.07 8.34 11.47
N MET B 67 1.08 7.49 11.61
CA MET B 67 1.94 7.09 10.46
C MET B 67 1.74 5.64 10.16
N ARG B 68 1.31 5.34 8.93
CA ARG B 68 1.07 3.96 8.52
C ARG B 68 1.65 3.76 7.13
N ASP B 69 2.14 2.56 6.88
CA ASP B 69 2.74 2.19 5.59
C ASP B 69 3.86 3.15 5.18
N GLY B 70 4.60 3.65 6.16
CA GLY B 70 5.78 4.44 5.92
C GLY B 70 5.52 5.93 5.78
N VAL B 71 4.24 6.33 5.76
CA VAL B 71 3.92 7.75 5.53
C VAL B 71 2.82 8.32 6.42
N ILE B 72 2.68 9.64 6.40
CA ILE B 72 1.68 10.30 7.22
C ILE B 72 0.28 9.90 6.75
N ALA B 73 -0.51 9.31 7.62
CA ALA B 73 -1.90 9.01 7.31
C ALA B 73 -2.79 10.12 7.88
N ASP B 74 -2.76 10.26 9.19
CA ASP B 74 -3.55 11.28 9.88
C ASP B 74 -2.72 12.53 10.12
N PHE B 75 -2.78 13.51 9.21
CA PHE B 75 -1.84 14.61 9.34
C PHE B 75 -2.07 15.49 10.57
N GLU B 76 -3.32 15.71 10.95
CA GLU B 76 -3.60 16.49 12.17
C GLU B 76 -2.98 15.87 13.41
N VAL B 77 -3.15 14.56 13.58
CA VAL B 77 -2.50 13.85 14.68
C VAL B 77 -0.96 13.76 14.52
N ALA B 78 -0.47 13.48 13.31
CA ALA B 78 0.98 13.49 13.08
C ALA B 78 1.63 14.82 13.44
N GLU B 79 0.98 15.94 13.11
CA GLU B 79 1.54 17.25 13.41
C GLU B 79 1.63 17.50 14.92
N GLU B 80 0.61 17.11 15.67
CA GLU B 80 0.66 17.17 17.13
C GLU B 80 1.80 16.28 17.68
N MET B 81 1.94 15.08 17.13
CA MET B 81 3.01 14.17 17.54
C MET B 81 4.38 14.79 17.34
N ILE B 82 4.58 15.35 16.15
CA ILE B 82 5.88 15.92 15.81
C ILE B 82 6.10 17.18 16.66
N LYS B 83 5.05 17.96 16.88
CA LYS B 83 5.20 19.20 17.65
C LYS B 83 5.56 18.90 19.13
N TYR B 84 4.93 17.89 19.69
CA TYR B 84 5.24 17.47 21.05
C TYR B 84 6.70 17.00 21.16
N PHE B 85 7.16 16.23 20.18
CA PHE B 85 8.53 15.70 20.21
C PHE B 85 9.59 16.81 20.04
N ILE B 86 9.31 17.77 19.18
CA ILE B 86 10.24 18.83 18.87
C ILE B 86 10.34 19.76 20.06
N ARG B 87 9.20 20.02 20.68
CA ARG B 87 9.15 20.81 21.92
C ARG B 87 9.74 20.05 23.11
N LYS B 88 9.57 18.73 23.17
CA LYS B 88 10.21 17.98 24.23
C LYS B 88 11.77 18.04 24.16
N VAL B 89 12.39 18.00 22.97
CA VAL B 89 13.85 18.05 22.86
C VAL B 89 14.42 19.47 22.84
N HIS B 90 13.56 20.45 23.02
CA HIS B 90 14.01 21.83 23.11
C HIS B 90 14.12 22.25 24.59
N ASN B 97 12.40 26.87 16.29
CA ASN B 97 13.51 27.49 15.60
C ASN B 97 14.26 26.53 14.66
N PRO B 98 14.15 25.21 14.88
CA PRO B 98 15.10 24.27 14.28
C PRO B 98 14.93 24.02 12.79
N LYS B 99 16.07 23.94 12.14
CA LYS B 99 16.15 23.36 10.82
C LYS B 99 16.11 21.85 11.03
N VAL B 100 15.36 21.17 10.17
CA VAL B 100 15.06 19.78 10.35
C VAL B 100 15.36 19.01 9.10
N ILE B 101 15.94 17.82 9.25
CA ILE B 101 15.96 16.88 8.15
C ILE B 101 15.18 15.65 8.59
N VAL B 102 14.36 15.12 7.68
CA VAL B 102 13.41 14.04 7.98
C VAL B 102 13.61 12.95 6.97
N CYS B 103 13.61 11.70 7.43
CA CYS B 103 13.77 10.58 6.52
C CYS B 103 12.42 10.23 5.91
N VAL B 104 12.43 9.76 4.68
CA VAL B 104 11.20 9.38 4.01
C VAL B 104 11.46 8.12 3.19
N PRO B 105 10.44 7.26 3.06
CA PRO B 105 10.62 6.10 2.21
C PRO B 105 11.06 6.56 0.80
N SER B 106 11.94 5.82 0.17
CA SER B 106 12.45 6.25 -1.15
C SER B 106 11.33 6.29 -2.16
N GLY B 107 10.35 5.42 -1.98
CA GLY B 107 9.24 5.35 -2.90
C GLY B 107 8.07 6.26 -2.58
N ALA B 108 8.22 7.17 -1.62
CA ALA B 108 7.13 8.05 -1.23
C ALA B 108 6.78 8.96 -2.43
N THR B 109 5.48 9.11 -2.64
CA THR B 109 4.99 9.86 -3.80
C THR B 109 5.20 11.34 -3.56
N ALA B 110 5.02 12.15 -4.59
CA ALA B 110 5.05 13.61 -4.42
C ALA B 110 4.09 14.09 -3.35
N VAL B 111 2.87 13.55 -3.31
CA VAL B 111 1.89 13.96 -2.29
C VAL B 111 2.39 13.64 -0.87
N GLU B 112 2.98 12.46 -0.70
CA GLU B 112 3.46 12.03 0.61
C GLU B 112 4.70 12.84 1.05
N ARG B 113 5.60 13.16 0.11
CA ARG B 113 6.76 14.00 0.44
C ARG B 113 6.32 15.41 0.81
N ARG B 114 5.33 15.94 0.11
CA ARG B 114 4.80 17.27 0.41
C ARG B 114 4.14 17.33 1.82
N ALA B 115 3.41 16.29 2.19
CA ALA B 115 2.77 16.24 3.49
C ALA B 115 3.83 16.18 4.63
N ILE B 116 4.92 15.44 4.43
CA ILE B 116 6.00 15.41 5.41
C ILE B 116 6.54 16.81 5.63
N ASN B 117 6.84 17.48 4.52
CA ASN B 117 7.31 18.83 4.55
C ASN B 117 6.36 19.77 5.31
N ASP B 118 5.10 19.80 4.89
CA ASP B 118 4.15 20.71 5.47
C ASP B 118 3.87 20.42 6.93
N SER B 119 3.78 19.15 7.31
CA SER B 119 3.52 18.83 8.70
C SER B 119 4.70 19.24 9.61
N CYS B 120 5.93 19.05 9.14
CA CYS B 120 7.08 19.46 9.95
C CYS B 120 7.16 20.99 10.08
N LEU B 121 6.91 21.73 9.00
CA LEU B 121 6.75 23.18 9.10
C LEU B 121 5.62 23.58 10.03
N ASN B 122 4.48 22.91 9.93
CA ASN B 122 3.39 23.22 10.84
C ASN B 122 3.76 22.99 12.28
N ALA B 123 4.65 22.03 12.50
CA ALA B 123 4.99 21.66 13.86
C ALA B 123 6.09 22.55 14.41
N GLY B 124 6.54 23.52 13.63
CA GLY B 124 7.53 24.45 14.13
C GLY B 124 8.91 24.43 13.49
N ALA B 125 9.14 23.55 12.54
CA ALA B 125 10.43 23.58 11.82
C ALA B 125 10.57 24.87 11.02
N ARG B 126 11.79 25.39 10.98
CA ARG B 126 12.06 26.60 10.23
C ARG B 126 12.28 26.22 8.76
N ARG B 127 12.96 25.11 8.55
CA ARG B 127 13.22 24.58 7.23
C ARG B 127 13.25 23.06 7.31
N VAL B 128 12.87 22.41 6.21
CA VAL B 128 12.85 20.95 6.17
C VAL B 128 13.58 20.46 4.95
N GLY B 129 14.44 19.47 5.15
CA GLY B 129 15.04 18.71 4.08
C GLY B 129 14.65 17.24 4.22
N LEU B 130 14.39 16.56 3.11
CA LEU B 130 14.13 15.13 3.13
C LEU B 130 15.36 14.27 2.79
N ILE B 131 15.52 13.15 3.48
CA ILE B 131 16.59 12.21 3.15
C ILE B 131 15.93 10.86 2.93
N ASP B 132 16.33 10.15 1.89
CA ASP B 132 15.77 8.82 1.67
C ASP B 132 16.17 7.89 2.80
N GLU B 133 15.19 7.19 3.36
CA GLU B 133 15.44 6.23 4.45
C GLU B 133 16.61 5.25 4.19
N PRO B 134 16.64 4.61 3.01
CA PRO B 134 17.70 3.59 2.87
C PRO B 134 19.10 4.19 2.83
N MET B 135 19.24 5.40 2.30
CA MET B 135 20.52 6.06 2.37
C MET B 135 20.90 6.30 3.86
N ALA B 136 19.98 6.83 4.66
CA ALA B 136 20.28 7.04 6.09
C ALA B 136 20.61 5.70 6.76
N ALA B 137 19.83 4.68 6.42
CA ALA B 137 20.05 3.37 7.02
C ALA B 137 21.44 2.84 6.73
N ALA B 138 21.86 2.92 5.45
CA ALA B 138 23.16 2.42 5.02
C ALA B 138 24.29 3.13 5.75
N ILE B 139 24.18 4.44 5.85
CA ILE B 139 25.16 5.22 6.56
C ILE B 139 25.23 4.82 8.02
N GLY B 140 24.09 4.67 8.66
CA GLY B 140 24.08 4.34 10.09
C GLY B 140 24.55 2.92 10.37
N ALA B 141 24.50 2.07 9.36
CA ALA B 141 24.99 0.71 9.49
C ALA B 141 26.48 0.63 9.12
N GLY B 142 27.10 1.78 8.86
CA GLY B 142 28.53 1.80 8.62
C GLY B 142 28.97 1.43 7.21
N LEU B 143 28.03 1.39 6.25
CA LEU B 143 28.39 1.06 4.87
C LEU B 143 29.08 2.28 4.25
N PRO B 144 30.05 2.01 3.36
CA PRO B 144 30.88 3.06 2.77
C PRO B 144 30.22 3.74 1.57
N ILE B 145 29.11 4.44 1.79
CA ILE B 145 28.24 4.87 0.70
C ILE B 145 28.82 6.04 -0.09
N HIS B 146 29.83 6.69 0.49
CA HIS B 146 30.55 7.77 -0.18
C HIS B 146 31.55 7.24 -1.22
N GLU B 147 31.95 5.98 -1.09
CA GLU B 147 32.90 5.37 -1.99
C GLU B 147 32.27 4.86 -3.29
N PRO B 148 33.08 4.80 -4.35
CA PRO B 148 32.67 4.26 -5.64
C PRO B 148 32.75 2.78 -5.60
N THR B 149 31.78 2.19 -4.92
CA THR B 149 31.70 0.76 -4.70
C THR B 149 30.27 0.48 -4.28
N GLY B 150 29.75 -0.67 -4.67
CA GLY B 150 28.36 -0.99 -4.42
C GLY B 150 28.12 -1.48 -3.01
N SER B 151 27.11 -0.90 -2.36
CA SER B 151 26.61 -1.36 -1.08
C SER B 151 25.13 -1.62 -1.26
N MET B 152 24.62 -2.64 -0.59
CA MET B 152 23.20 -2.92 -0.63
C MET B 152 22.64 -2.99 0.78
N VAL B 153 21.52 -2.29 0.97
CA VAL B 153 20.85 -2.22 2.25
C VAL B 153 19.42 -2.60 2.04
N VAL B 154 18.85 -3.25 3.04
CA VAL B 154 17.43 -3.53 3.08
C VAL B 154 16.95 -3.08 4.47
N ASP B 155 16.08 -2.07 4.52
CA ASP B 155 15.59 -1.60 5.82
C ASP B 155 14.15 -2.06 5.95
N ILE B 156 13.88 -2.85 6.96
CA ILE B 156 12.57 -3.38 7.20
C ILE B 156 11.98 -2.73 8.42
N GLY B 157 11.02 -1.86 8.19
CA GLY B 157 10.41 -1.13 9.28
C GLY B 157 9.05 -1.71 9.60
N GLY B 158 8.26 -0.94 10.31
CA GLY B 158 6.91 -1.35 10.60
C GLY B 158 6.00 -1.19 9.39
N GLY B 159 6.20 -0.11 8.62
CA GLY B 159 5.35 0.18 7.47
C GLY B 159 5.87 -0.17 6.08
N THR B 160 7.18 -0.03 5.85
CA THR B 160 7.74 -0.36 4.57
C THR B 160 9.06 -1.10 4.68
N THR B 161 9.38 -1.76 3.58
CA THR B 161 10.67 -2.40 3.40
C THR B 161 11.34 -1.66 2.26
N GLU B 162 12.49 -1.04 2.56
CA GLU B 162 13.24 -0.25 1.60
C GLU B 162 14.42 -1.11 1.10
N VAL B 163 14.58 -1.29 -0.20
CA VAL B 163 15.77 -1.96 -0.73
C VAL B 163 16.52 -0.96 -1.55
N ALA B 164 17.82 -0.75 -1.32
CA ALA B 164 18.59 0.13 -2.18
C ALA B 164 20.01 -0.34 -2.44
N VAL B 165 20.47 -0.04 -3.65
CA VAL B 165 21.90 -0.13 -3.96
C VAL B 165 22.44 1.28 -4.01
N LEU B 166 23.51 1.51 -3.25
CA LEU B 166 24.07 2.84 -3.07
C LEU B 166 25.52 2.85 -3.53
N SER B 167 25.94 4.01 -3.98
CA SER B 167 27.32 4.27 -4.40
C SER B 167 27.54 5.79 -4.48
N LEU B 168 28.76 6.22 -4.20
CA LEU B 168 29.15 7.62 -4.42
C LEU B 168 28.13 8.62 -3.90
N SER B 169 27.61 8.33 -2.70
CA SER B 169 26.70 9.21 -1.96
C SER B 169 25.36 9.42 -2.63
N GLY B 170 24.97 8.48 -3.48
CA GLY B 170 23.66 8.55 -4.10
C GLY B 170 23.04 7.16 -4.25
N ILE B 171 21.87 7.14 -4.86
CA ILE B 171 21.14 5.92 -5.01
C ILE B 171 21.27 5.41 -6.43
N VAL B 172 21.70 4.16 -6.55
CA VAL B 172 21.80 3.55 -7.85
C VAL B 172 20.45 2.96 -8.18
N TYR B 173 19.90 2.21 -7.25
CA TYR B 173 18.58 1.62 -7.39
C TYR B 173 17.88 1.72 -6.06
N SER B 174 16.58 2.01 -6.01
CA SER B 174 15.86 1.88 -4.73
C SER B 174 14.42 1.49 -4.96
N ARG B 175 13.80 0.91 -3.94
CA ARG B 175 12.42 0.49 -4.02
C ARG B 175 11.80 0.47 -2.62
N SER B 176 10.58 0.97 -2.46
CA SER B 176 9.85 0.87 -1.18
C SER B 176 8.71 -0.09 -1.39
N VAL B 177 8.68 -1.19 -0.64
CA VAL B 177 7.51 -2.08 -0.66
C VAL B 177 6.70 -1.88 0.61
N ARG B 178 5.39 -1.80 0.48
CA ARG B 178 4.52 -1.68 1.65
C ARG B 178 4.31 -3.01 2.33
N VAL B 179 5.38 -3.55 2.92
CA VAL B 179 5.31 -4.75 3.72
C VAL B 179 6.36 -4.55 4.79
N GLY B 180 6.05 -4.99 5.98
CA GLY B 180 6.94 -4.84 7.11
C GLY B 180 6.27 -5.41 8.34
N GLY B 181 6.69 -4.90 9.48
CA GLY B 181 6.27 -5.42 10.76
C GLY B 181 4.77 -5.40 10.98
N ASP B 182 4.10 -4.31 10.60
CA ASP B 182 2.65 -4.25 10.80
C ASP B 182 1.90 -5.31 10.00
N LYS B 183 2.25 -5.48 8.72
CA LYS B 183 1.63 -6.51 7.89
C LYS B 183 1.93 -7.89 8.50
N MET B 184 3.12 -8.06 9.04
CA MET B 184 3.43 -9.31 9.73
C MET B 184 2.53 -9.53 10.97
N ASP B 185 2.37 -8.51 11.81
CA ASP B 185 1.45 -8.62 12.97
C ASP B 185 0.04 -8.98 12.48
N GLU B 186 -0.43 -8.31 11.44
CA GLU B 186 -1.80 -8.53 10.96
C GLU B 186 -1.97 -9.94 10.47
N ALA B 187 -0.92 -10.47 9.86
CA ALA B 187 -0.98 -11.82 9.34
C ALA B 187 -1.06 -12.81 10.50
N ILE B 188 -0.37 -12.53 11.60
CA ILE B 188 -0.46 -13.38 12.78
C ILE B 188 -1.85 -13.31 13.41
N ILE B 189 -2.40 -12.10 13.48
CA ILE B 189 -3.76 -11.95 13.99
C ILE B 189 -4.77 -12.73 13.15
N SER B 190 -4.66 -12.62 11.83
CA SER B 190 -5.56 -13.34 10.94
C SER B 190 -5.42 -14.84 11.12
N TYR B 191 -4.18 -15.30 11.24
CA TYR B 191 -3.92 -16.72 11.38
C TYR B 191 -4.55 -17.29 12.64
N MET B 192 -4.44 -16.56 13.74
CA MET B 192 -4.98 -17.00 15.00
C MET B 192 -6.48 -17.09 14.89
N ARG B 193 -7.06 -16.11 14.22
CA ARG B 193 -8.50 -16.10 14.07
C ARG B 193 -8.97 -17.28 13.22
N ARG B 194 -8.33 -17.47 12.07
CA ARG B 194 -8.70 -18.54 11.15
C ARG B 194 -8.36 -19.96 11.61
N HIS B 195 -7.23 -20.15 12.30
CA HIS B 195 -6.83 -21.50 12.69
C HIS B 195 -7.22 -21.89 14.11
N HIS B 196 -7.46 -20.91 14.98
CA HIS B 196 -7.81 -21.26 16.36
C HIS B 196 -9.06 -20.59 16.87
N ASN B 197 -9.73 -19.84 16.00
CA ASN B 197 -10.89 -19.07 16.39
C ASN B 197 -10.61 -18.29 17.64
N LEU B 198 -9.40 -17.78 17.74
CA LEU B 198 -9.06 -16.91 18.84
C LEU B 198 -8.84 -15.50 18.30
N LEU B 199 -9.42 -14.52 18.99
CA LEU B 199 -9.18 -13.13 18.64
C LEU B 199 -8.05 -12.58 19.53
N ILE B 200 -6.94 -12.16 18.91
CA ILE B 200 -5.85 -11.53 19.66
C ILE B 200 -5.67 -10.10 19.19
N GLY B 201 -5.00 -9.31 20.01
CA GLY B 201 -4.73 -7.92 19.67
C GLY B 201 -3.33 -7.74 19.13
N GLU B 202 -2.98 -6.51 18.81
CA GLU B 202 -1.71 -6.17 18.17
C GLU B 202 -0.51 -6.45 19.08
N THR B 203 -0.63 -6.14 20.36
CA THR B 203 0.46 -6.37 21.28
C THR B 203 0.81 -7.85 21.40
N THR B 204 -0.20 -8.72 21.49
CA THR B 204 0.05 -10.15 21.58
C THR B 204 0.66 -10.66 20.27
N ALA B 205 0.17 -10.16 19.15
CA ALA B 205 0.66 -10.55 17.83
C ALA B 205 2.14 -10.24 17.69
N GLU B 206 2.53 -9.05 18.11
CA GLU B 206 3.92 -8.62 18.06
C GLU B 206 4.83 -9.49 18.92
N ARG B 207 4.34 -9.83 20.10
CA ARG B 207 5.07 -10.71 21.01
C ARG B 207 5.35 -12.07 20.37
N ILE B 208 4.32 -12.62 19.73
CA ILE B 208 4.44 -13.86 18.96
C ILE B 208 5.55 -13.68 17.89
N LYS B 209 5.52 -12.54 17.22
CA LYS B 209 6.42 -12.29 16.11
C LYS B 209 7.86 -12.25 16.59
N LYS B 210 8.06 -11.59 17.71
CA LYS B 210 9.36 -11.38 18.30
C LYS B 210 9.89 -12.65 18.93
N GLU B 211 9.01 -13.44 19.55
CA GLU B 211 9.49 -14.62 20.27
C GLU B 211 9.63 -15.85 19.38
N ILE B 212 8.71 -16.08 18.44
CA ILE B 212 8.76 -17.31 17.64
C ILE B 212 8.58 -17.11 16.15
N GLY B 213 8.43 -15.86 15.74
CA GLY B 213 8.24 -15.54 14.34
C GLY B 213 9.50 -15.91 13.59
N THR B 214 9.36 -16.33 12.33
CA THR B 214 10.54 -16.72 11.58
C THR B 214 10.28 -16.68 10.09
N ALA B 215 11.35 -16.39 9.36
CA ALA B 215 11.30 -16.35 7.91
C ALA B 215 11.62 -17.73 7.30
N ARG B 216 12.01 -18.67 8.15
CA ARG B 216 12.32 -20.05 7.73
C ARG B 216 11.56 -21.06 8.59
N ALA B 217 10.77 -21.91 7.95
CA ALA B 217 10.10 -22.99 8.65
C ALA B 217 11.12 -23.90 9.35
N PRO B 218 10.83 -24.32 10.58
CA PRO B 218 11.78 -25.21 11.26
C PRO B 218 11.79 -26.62 10.64
N ALA B 219 12.97 -27.26 10.58
CA ALA B 219 13.08 -28.59 9.97
C ALA B 219 12.27 -29.64 10.73
N ASP B 220 12.15 -29.41 12.03
CA ASP B 220 11.47 -30.30 12.97
C ASP B 220 10.20 -31.02 12.46
N GLY B 221 9.15 -30.33 12.03
CA GLY B 221 9.06 -28.89 12.00
C GLY B 221 7.90 -28.42 12.86
N GLU B 222 8.14 -28.22 14.16
CA GLU B 222 7.25 -27.46 15.02
C GLU B 222 8.05 -26.27 15.55
N GLY B 223 9.27 -26.57 16.01
CA GLY B 223 10.14 -25.54 16.52
C GLY B 223 9.73 -25.07 17.90
N LEU B 224 10.10 -23.86 18.26
CA LEU B 224 9.72 -23.34 19.57
C LEU B 224 8.19 -23.17 19.64
N SER B 225 7.66 -22.97 20.84
CA SER B 225 6.27 -22.59 20.96
C SER B 225 6.08 -21.59 22.09
N ILE B 226 4.99 -20.81 22.02
CA ILE B 226 4.61 -20.00 23.17
C ILE B 226 3.11 -20.00 23.36
N ASP B 227 2.69 -19.63 24.56
CA ASP B 227 1.27 -19.62 24.89
C ASP B 227 0.78 -18.18 24.93
N VAL B 228 -0.34 -17.92 24.25
CA VAL B 228 -0.89 -16.57 24.20
C VAL B 228 -2.38 -16.57 24.56
N LYS B 229 -2.88 -15.42 24.99
CA LYS B 229 -4.30 -15.32 25.33
C LYS B 229 -5.00 -14.30 24.46
N GLY B 230 -6.26 -14.59 24.20
CA GLY B 230 -7.13 -13.65 23.52
C GLY B 230 -8.54 -14.01 23.94
N ARG B 231 -9.51 -13.55 23.17
CA ARG B 231 -10.89 -13.90 23.38
C ARG B 231 -11.30 -15.00 22.45
N ASP B 232 -11.80 -16.09 23.02
CA ASP B 232 -12.33 -17.21 22.25
C ASP B 232 -13.64 -16.84 21.56
N LEU B 233 -13.74 -17.04 20.25
CA LEU B 233 -14.90 -16.57 19.46
C LEU B 233 -16.14 -17.44 19.68
N MET B 234 -15.92 -18.74 19.84
CA MET B 234 -16.99 -19.69 20.15
C MET B 234 -17.71 -19.38 21.47
N GLN B 235 -16.97 -19.37 22.57
CA GLN B 235 -17.57 -19.25 23.90
C GLN B 235 -17.48 -17.84 24.48
N GLY B 236 -16.84 -16.92 23.76
CA GLY B 236 -16.79 -15.53 24.17
C GLY B 236 -16.12 -15.21 25.49
N VAL B 237 -15.24 -16.08 25.98
CA VAL B 237 -14.48 -15.81 27.19
C VAL B 237 -13.00 -15.84 26.84
N PRO B 238 -12.15 -15.37 27.75
CA PRO B 238 -10.70 -15.44 27.54
C PRO B 238 -10.21 -16.88 27.48
N ARG B 239 -9.20 -17.14 26.64
CA ARG B 239 -8.70 -18.49 26.43
C ARG B 239 -7.23 -18.45 26.07
N GLU B 240 -6.49 -19.46 26.54
CA GLU B 240 -5.05 -19.56 26.29
C GLU B 240 -4.77 -20.68 25.30
N VAL B 241 -3.98 -20.38 24.28
CA VAL B 241 -3.71 -21.30 23.20
C VAL B 241 -2.21 -21.32 22.94
N ARG B 242 -1.70 -22.46 22.52
CA ARG B 242 -0.28 -22.57 22.24
C ARG B 242 -0.02 -22.45 20.76
N ILE B 243 0.96 -21.64 20.37
CA ILE B 243 1.32 -21.43 18.98
C ILE B 243 2.75 -21.88 18.83
N SER B 244 3.05 -22.58 17.74
CA SER B 244 4.43 -22.99 17.45
C SER B 244 5.08 -22.15 16.37
N GLU B 245 6.37 -22.31 16.27
CA GLU B 245 7.17 -21.61 15.31
C GLU B 245 6.78 -21.98 13.88
N LYS B 246 6.39 -23.23 13.66
CA LYS B 246 6.01 -23.64 12.31
C LYS B 246 4.74 -22.93 11.84
N GLN B 247 3.77 -22.78 12.74
CA GLN B 247 2.56 -22.04 12.43
C GLN B 247 2.88 -20.55 12.17
N ALA B 248 3.72 -19.95 13.01
CA ALA B 248 4.10 -18.57 12.82
C ALA B 248 4.83 -18.44 11.49
N ALA B 249 5.63 -19.45 11.14
CA ALA B 249 6.33 -19.40 9.86
C ALA B 249 5.33 -19.42 8.75
N ASP B 250 4.30 -20.24 8.88
CA ASP B 250 3.25 -20.26 7.87
C ASP B 250 2.57 -18.87 7.75
N ALA B 251 2.27 -18.26 8.89
CA ALA B 251 1.54 -16.99 8.93
C ALA B 251 2.34 -15.88 8.24
N LEU B 252 3.66 -15.93 8.36
CA LEU B 252 4.53 -14.86 7.89
C LEU B 252 5.09 -15.09 6.48
N ALA B 253 4.81 -16.27 5.93
CA ALA B 253 5.42 -16.69 4.65
C ALA B 253 5.17 -15.70 3.53
N GLU B 254 3.94 -15.22 3.39
CA GLU B 254 3.60 -14.30 2.32
C GLU B 254 4.36 -12.97 2.43
N PRO B 255 4.31 -12.31 3.58
CA PRO B 255 5.05 -11.04 3.62
C PRO B 255 6.56 -11.26 3.53
N VAL B 256 7.09 -12.32 4.13
CA VAL B 256 8.50 -12.64 3.97
C VAL B 256 8.87 -12.80 2.50
N GLY B 257 8.00 -13.46 1.75
CA GLY B 257 8.21 -13.65 0.34
C GLY B 257 8.28 -12.35 -0.44
N GLN B 258 7.45 -11.38 -0.10
CA GLN B 258 7.53 -10.09 -0.75
C GLN B 258 8.88 -9.40 -0.57
N ILE B 259 9.45 -9.51 0.63
CA ILE B 259 10.75 -8.93 0.94
C ILE B 259 11.83 -9.60 0.09
N VAL B 260 11.89 -10.93 0.11
CA VAL B 260 12.91 -11.69 -0.63
C VAL B 260 12.85 -11.36 -2.12
N GLU B 261 11.63 -11.27 -2.65
CA GLU B 261 11.42 -10.98 -4.06
C GLU B 261 11.89 -9.55 -4.38
N ALA B 262 11.56 -8.59 -3.52
CA ALA B 262 12.01 -7.23 -3.74
C ALA B 262 13.56 -7.13 -3.79
N VAL B 263 14.23 -7.91 -2.96
CA VAL B 263 15.71 -8.02 -3.00
C VAL B 263 16.18 -8.57 -4.36
N LYS B 264 15.55 -9.63 -4.82
CA LYS B 264 15.93 -10.24 -6.09
C LYS B 264 15.74 -9.27 -7.25
N VAL B 265 14.61 -8.56 -7.26
CA VAL B 265 14.36 -7.55 -8.28
C VAL B 265 15.46 -6.47 -8.28
N ALA B 266 15.88 -6.04 -7.09
CA ALA B 266 16.93 -5.02 -6.94
C ALA B 266 18.23 -5.52 -7.56
N LEU B 267 18.62 -6.74 -7.19
CA LEU B 267 19.83 -7.35 -7.70
C LEU B 267 19.85 -7.40 -9.20
N GLU B 268 18.73 -7.82 -9.80
CA GLU B 268 18.65 -7.90 -11.25
C GLU B 268 18.79 -6.52 -11.93
N ALA B 269 18.39 -5.46 -11.24
CA ALA B 269 18.48 -4.13 -11.77
C ALA B 269 19.89 -3.54 -11.59
N THR B 270 20.76 -4.24 -10.85
CA THR B 270 22.08 -3.66 -10.52
C THR B 270 23.12 -3.80 -11.67
N PRO B 271 23.77 -2.68 -12.08
CA PRO B 271 24.92 -2.74 -13.00
C PRO B 271 26.00 -3.74 -12.57
N PRO B 272 26.66 -4.39 -13.54
CA PRO B 272 27.49 -5.56 -13.24
C PRO B 272 28.67 -5.34 -12.28
N GLU B 273 29.34 -4.21 -12.34
CA GLU B 273 30.48 -4.02 -11.45
C GLU B 273 29.96 -3.83 -10.02
N LEU B 274 28.81 -3.17 -9.86
CA LEU B 274 28.24 -2.96 -8.54
C LEU B 274 27.75 -4.29 -7.98
N ALA B 275 27.28 -5.16 -8.85
CA ALA B 275 26.80 -6.48 -8.47
C ALA B 275 27.99 -7.35 -8.04
N SER B 276 29.12 -7.12 -8.68
CA SER B 276 30.37 -7.78 -8.32
C SER B 276 30.76 -7.33 -6.93
N ASP B 277 30.68 -6.01 -6.69
CA ASP B 277 30.93 -5.43 -5.36
C ASP B 277 30.03 -6.05 -4.30
N ILE B 278 28.74 -6.17 -4.59
CA ILE B 278 27.78 -6.71 -3.65
C ILE B 278 28.00 -8.19 -3.38
N ALA B 279 28.44 -8.90 -4.41
CA ALA B 279 28.85 -10.30 -4.26
C ALA B 279 29.92 -10.46 -3.18
N ASP B 280 30.85 -9.50 -3.12
CA ASP B 280 31.92 -9.53 -2.11
C ASP B 280 31.45 -9.15 -0.69
N LYS B 281 30.74 -8.04 -0.58
CA LYS B 281 30.36 -7.49 0.72
C LYS B 281 29.00 -8.01 1.21
N GLY B 282 28.14 -8.43 0.31
CA GLY B 282 26.84 -8.95 0.68
C GLY B 282 25.83 -7.86 1.00
N ILE B 283 24.76 -8.25 1.70
CA ILE B 283 23.63 -7.38 1.98
C ILE B 283 23.56 -7.06 3.49
N MET B 284 23.28 -5.80 3.80
CA MET B 284 23.04 -5.38 5.16
C MET B 284 21.56 -5.20 5.42
N LEU B 285 21.04 -5.82 6.47
CA LEU B 285 19.66 -5.61 6.88
C LEU B 285 19.59 -4.66 8.08
N THR B 286 18.68 -3.69 7.99
CA THR B 286 18.46 -2.70 9.05
C THR B 286 16.98 -2.60 9.35
N GLY B 287 16.64 -1.82 10.37
CA GLY B 287 15.28 -1.69 10.84
C GLY B 287 14.85 -2.78 11.82
N GLY B 288 13.83 -2.51 12.62
CA GLY B 288 13.34 -3.47 13.60
C GLY B 288 12.96 -4.81 12.98
N GLY B 289 12.52 -4.76 11.73
CA GLY B 289 12.15 -5.95 10.95
C GLY B 289 13.31 -6.86 10.65
N ALA B 290 14.52 -6.31 10.64
CA ALA B 290 15.71 -7.08 10.38
C ALA B 290 15.96 -8.11 11.45
N LEU B 291 15.29 -7.98 12.60
CA LEU B 291 15.47 -8.89 13.72
C LEU B 291 14.57 -10.13 13.63
N LEU B 292 13.72 -10.18 12.61
CA LEU B 292 12.86 -11.35 12.40
C LEU B 292 13.74 -12.58 12.29
N ARG B 293 13.48 -13.58 13.12
CA ARG B 293 14.33 -14.77 13.14
C ARG B 293 14.52 -15.43 11.79
N GLY B 294 15.78 -15.67 11.43
CA GLY B 294 16.07 -16.36 10.19
C GLY B 294 15.91 -15.55 8.91
N LEU B 295 15.61 -14.25 8.99
CA LEU B 295 15.38 -13.50 7.75
C LEU B 295 16.69 -13.34 6.98
N ASP B 296 17.81 -13.18 7.68
CA ASP B 296 19.08 -13.08 7.01
C ASP B 296 19.36 -14.36 6.23
N ALA B 297 19.15 -15.49 6.89
CA ALA B 297 19.38 -16.81 6.29
C ALA B 297 18.47 -17.04 5.08
N GLU B 298 17.23 -16.57 5.17
CA GLU B 298 16.27 -16.72 4.09
C GLU B 298 16.69 -15.91 2.84
N ILE B 299 17.11 -14.66 3.03
CA ILE B 299 17.58 -13.86 1.90
C ILE B 299 18.89 -14.47 1.33
N ARG B 300 19.74 -14.93 2.23
CA ARG B 300 20.96 -15.64 1.86
C ARG B 300 20.65 -16.82 0.91
N ASP B 301 19.66 -17.63 1.26
CA ASP B 301 19.33 -18.84 0.49
C ASP B 301 18.82 -18.51 -0.90
N HIS B 302 18.03 -17.44 -1.01
CA HIS B 302 17.47 -17.08 -2.30
C HIS B 302 18.34 -16.16 -3.16
N THR B 303 19.48 -15.70 -2.65
CA THR B 303 20.32 -14.80 -3.43
C THR B 303 21.73 -15.30 -3.70
N GLY B 304 22.25 -16.21 -2.87
CA GLY B 304 23.63 -16.68 -2.92
C GLY B 304 24.61 -15.74 -2.21
N LEU B 305 24.08 -14.69 -1.62
CA LEU B 305 24.90 -13.62 -1.08
C LEU B 305 25.02 -13.69 0.42
N PRO B 306 26.16 -13.23 0.97
CA PRO B 306 26.19 -13.00 2.41
C PRO B 306 25.13 -11.96 2.82
N VAL B 307 24.56 -12.13 3.99
CA VAL B 307 23.56 -11.21 4.53
C VAL B 307 23.80 -11.04 6.03
N THR B 308 23.87 -9.80 6.49
CA THR B 308 24.20 -9.52 7.88
C THR B 308 23.20 -8.57 8.44
N VAL B 309 22.80 -8.80 9.69
CA VAL B 309 21.92 -7.89 10.40
C VAL B 309 22.80 -6.85 11.06
N ALA B 310 22.55 -5.57 10.79
CA ALA B 310 23.31 -4.50 11.45
C ALA B 310 23.21 -4.58 12.95
N ASP B 311 24.27 -4.18 13.63
CA ASP B 311 24.23 -4.10 15.09
C ASP B 311 23.16 -3.08 15.46
N ASP B 312 22.28 -3.45 16.38
CA ASP B 312 21.22 -2.55 16.88
C ASP B 312 20.42 -1.87 15.75
N PRO B 313 19.73 -2.69 14.92
CA PRO B 313 19.20 -2.23 13.63
C PRO B 313 18.05 -1.23 13.71
N LEU B 314 17.41 -1.11 14.86
CA LEU B 314 16.38 -0.09 15.08
C LEU B 314 16.92 1.36 14.95
N SER B 315 18.21 1.55 15.20
CA SER B 315 18.75 2.89 15.30
C SER B 315 19.51 3.33 14.03
N CYS B 316 19.62 2.46 13.03
CA CYS B 316 20.52 2.78 11.90
C CYS B 316 20.11 4.06 11.18
N VAL B 317 18.82 4.22 10.86
CA VAL B 317 18.37 5.44 10.18
C VAL B 317 18.72 6.71 10.97
N ALA B 318 18.41 6.70 12.26
CA ALA B 318 18.66 7.85 13.09
C ALA B 318 20.18 8.20 13.18
N LEU B 319 21.02 7.19 13.35
CA LEU B 319 22.46 7.43 13.40
C LEU B 319 22.99 7.95 12.05
N GLY B 320 22.44 7.43 10.94
CA GLY B 320 22.84 7.86 9.62
C GLY B 320 22.44 9.29 9.34
N CYS B 321 21.21 9.62 9.67
CA CYS B 321 20.76 11.01 9.60
C CYS B 321 21.65 11.94 10.39
N GLY B 322 21.94 11.55 11.62
CA GLY B 322 22.84 12.28 12.52
C GLY B 322 24.21 12.53 11.91
N LYS B 323 24.81 11.51 11.31
CA LYS B 323 26.10 11.68 10.70
C LYS B 323 26.01 12.68 9.50
N VAL B 324 24.92 12.64 8.73
CA VAL B 324 24.76 13.59 7.64
C VAL B 324 24.66 15.00 8.21
N LEU B 325 23.91 15.13 9.29
CA LEU B 325 23.64 16.39 9.91
C LEU B 325 24.94 17.01 10.44
N GLU B 326 25.88 16.16 10.83
CA GLU B 326 27.14 16.61 11.34
C GLU B 326 28.19 16.84 10.23
N HIS B 327 27.79 16.78 8.96
CA HIS B 327 28.70 17.09 7.84
C HIS B 327 28.02 17.95 6.75
MG MG C . -12.30 2.84 -9.38
PG ANP D . -9.18 2.37 -8.76
O1G ANP D . -10.59 2.25 -8.32
O2G ANP D . -8.30 1.43 -7.94
O3G ANP D . -8.65 3.86 -8.61
PB ANP D . -10.04 2.20 -11.56
O1B ANP D . -11.28 3.00 -11.22
O2B ANP D . -9.43 2.95 -12.78
N3B ANP D . -8.87 2.09 -10.39
PA ANP D . -11.40 0.17 -12.98
O1A ANP D . -12.71 -0.08 -12.16
O2A ANP D . -11.60 1.20 -14.09
O3A ANP D . -10.33 0.68 -11.93
O5' ANP D . -10.81 -1.18 -13.54
C5' ANP D . -9.61 -1.22 -14.32
C4' ANP D . -8.91 -2.53 -13.96
O4' ANP D . -9.76 -3.61 -14.27
C3' ANP D . -7.62 -2.75 -14.64
O3' ANP D . -6.67 -3.27 -13.74
C2' ANP D . -8.01 -3.74 -15.68
O2' ANP D . -6.93 -4.47 -16.06
C1' ANP D . -9.03 -4.55 -14.95
N9 ANP D . -9.83 -5.36 -15.86
C8 ANP D . -10.55 -4.91 -16.88
N7 ANP D . -11.13 -5.92 -17.50
C5 ANP D . -10.78 -7.05 -16.91
C6 ANP D . -11.05 -8.37 -17.16
N6 ANP D . -11.90 -8.69 -18.26
N1 ANP D . -10.56 -9.31 -16.35
C2 ANP D . -9.76 -9.02 -15.31
N3 ANP D . -9.46 -7.72 -15.02
C4 ANP D . -9.95 -6.74 -15.83
HOG2 ANP D . -8.07 1.82 -7.18
HOG3 ANP D . -8.91 4.18 -7.82
HOB2 ANP D . -9.71 3.80 -12.78
HNB1 ANP D . -8.11 2.52 -10.64
H5'1 ANP D . -9.04 -0.47 -14.09
H5'2 ANP D . -9.83 -1.21 -15.27
H4' ANP D . -8.77 -2.52 -13.00
H3' ANP D . -7.31 -1.92 -15.05
HO3' ANP D . -6.00 -2.70 -13.66
H2' ANP D . -8.41 -3.29 -16.44
HO2' ANP D . -6.67 -4.20 -16.86
H1' ANP D . -8.58 -5.13 -14.30
H8 ANP D . -10.64 -3.98 -17.13
HN61 ANP D . -12.13 -9.55 -18.44
HN62 ANP D . -12.23 -8.02 -18.79
H2 ANP D . -9.41 -9.74 -14.75
MG MG E . 12.01 3.29 9.61
PG ANP F . 8.83 2.65 9.00
O1G ANP F . 10.23 2.79 8.54
O2G ANP F . 8.15 1.57 8.15
O3G ANP F . 8.12 4.04 8.93
PB ANP F . 9.80 2.36 11.81
O1B ANP F . 11.01 3.20 11.41
O2B ANP F . 9.17 3.00 13.03
N3B ANP F . 8.68 2.10 10.59
PA ANP F . 11.39 0.33 13.06
O1A ANP F . 12.69 0.14 12.29
O2A ANP F . 11.54 1.14 14.38
O3A ANP F . 10.23 0.88 12.12
O5' ANP F . 10.97 -1.14 13.43
C5' ANP F . 9.69 -1.35 13.98
C4' ANP F . 9.21 -2.73 13.56
O4' ANP F . 10.21 -3.67 13.83
C3' ANP F . 7.97 -3.14 14.28
O3' ANP F . 7.05 -3.66 13.36
C2' ANP F . 8.48 -4.13 15.27
O2' ANP F . 7.51 -5.03 15.65
C1' ANP F . 9.65 -4.73 14.51
N9 ANP F . 10.48 -5.53 15.40
C8 ANP F . 11.11 -5.20 16.55
N7 ANP F . 11.73 -6.28 17.08
C5 ANP F . 11.48 -7.34 16.29
C6 ANP F . 11.80 -8.69 16.32
N6 ANP F . 12.59 -9.20 17.40
N1 ANP F . 11.40 -9.52 15.38
C2 ANP F . 10.66 -9.07 14.35
N3 ANP F . 10.30 -7.76 14.27
C4 ANP F . 10.68 -6.90 15.23
HOG2 ANP F . 7.84 1.93 7.41
HOG3 ANP F . 8.32 4.44 8.16
HOB2 ANP F . 9.60 3.76 13.23
HNB1 ANP F . 7.84 2.22 10.90
H5'1 ANP F . 9.07 -0.67 13.64
H5'2 ANP F . 9.72 -1.30 14.95
H4' ANP F . 9.04 -2.70 12.61
H3' ANP F . 7.59 -2.37 14.75
HO3' ANP F . 6.34 -3.13 13.33
H2' ANP F . 8.81 -3.67 16.07
HO2' ANP F . 7.14 -4.77 16.42
H1' ANP F . 9.27 -5.34 13.85
H8 ANP F . 11.13 -4.31 16.93
HN61 ANP F . 12.88 -8.64 18.06
HN62 ANP F . 12.82 -10.09 17.41
H2 ANP F . 10.37 -9.70 13.66
#